data_3QBL
#
_entry.id   3QBL
#
_cell.length_a   150.750
_cell.length_b   100.030
_cell.length_c   99.330
_cell.angle_alpha   90.00
_cell.angle_beta   127.23
_cell.angle_gamma   90.00
#
_symmetry.space_group_name_H-M   'C 1 2 1'
#
loop_
_entity.id
_entity.type
_entity.pdbx_description
1 polymer Halorhodopsin
2 non-polymer RETINAL
3 non-polymer 'NITRATE ION'
4 non-polymer BACTERIORUBERIN
5 water water
#
_entity_poly.entity_id   1
_entity_poly.type   'polypeptide(L)'
_entity_poly.pdbx_seq_one_letter_code
;MTETLPPVTESAVALQAEVTQRELFEFVLNDPLLASSLYINIALAGLSILLFVFMTRGLDDPRAKLIAVSTILVPVVSIA
SYTGLASGLTISVLEMPAGHFAEGSSVMLGGEEVDGVVTMWGRYLTWALSTPMILLALGLLAGSNATKLFTAITFDIAMC
VTGLAAALTTSSHLMRWFWYAISCACFIVVLYILLVEWAQDAKAAGTADIFSTLKLLTVVMWLGYPIVWALGVEGVAVLP
VGYTSWAYSALDIVAKYIFAFLLLNYLTSNEGVVSGSILDVPSASGAPADD
;
_entity_poly.pdbx_strand_id   A,B,D
#
loop_
_chem_comp.id
_chem_comp.type
_chem_comp.name
_chem_comp.formula
22B non-polymer BACTERIORUBERIN 'C50 H76 O4'
NO3 non-polymer 'NITRATE ION' 'N O3 -1'
RET non-polymer RETINAL 'C20 H28 O'
#
# COMPACT_ATOMS: atom_id res chain seq x y z
N GLU A 18 19.23 11.69 -14.48
CA GLU A 18 20.63 12.09 -14.59
C GLU A 18 21.40 11.74 -13.33
N VAL A 19 20.73 11.81 -12.18
CA VAL A 19 21.36 11.49 -10.90
C VAL A 19 21.14 10.02 -10.55
N THR A 20 22.19 9.23 -10.64
CA THR A 20 22.12 7.81 -10.35
C THR A 20 22.04 7.51 -8.86
N GLN A 21 21.62 6.30 -8.55
CA GLN A 21 21.52 5.84 -7.17
C GLN A 21 22.93 5.83 -6.58
N ARG A 22 23.89 5.28 -7.32
CA ARG A 22 25.27 5.21 -6.87
C ARG A 22 25.78 6.59 -6.45
N GLU A 23 25.50 7.59 -7.26
CA GLU A 23 25.93 8.93 -6.93
C GLU A 23 25.36 9.31 -5.57
N LEU A 24 24.08 8.99 -5.36
CA LEU A 24 23.40 9.28 -4.11
C LEU A 24 24.02 8.46 -2.97
N PHE A 25 24.29 7.20 -3.24
CA PHE A 25 24.88 6.33 -2.23
C PHE A 25 26.28 6.80 -1.85
N GLU A 26 26.96 7.47 -2.78
CA GLU A 26 28.29 7.97 -2.51
C GLU A 26 28.22 9.39 -1.96
N PHE A 27 27.11 10.07 -2.20
CA PHE A 27 26.96 11.40 -1.64
C PHE A 27 26.85 11.21 -0.13
N VAL A 28 26.03 10.25 0.28
CA VAL A 28 25.84 9.96 1.70
C VAL A 28 27.23 9.72 2.27
N LEU A 29 27.93 8.73 1.72
CA LEU A 29 29.29 8.46 2.16
C LEU A 29 30.03 9.73 1.75
N ASN A 30 31.19 9.97 2.32
CA ASN A 30 31.93 11.18 1.97
C ASN A 30 31.28 12.40 2.63
N ASP A 31 30.28 12.13 3.47
CA ASP A 31 29.59 13.16 4.24
C ASP A 31 29.32 12.52 5.58
N PRO A 32 30.36 12.45 6.44
CA PRO A 32 30.34 11.85 7.78
C PRO A 32 29.02 12.01 8.53
N LEU A 33 28.51 13.24 8.61
CA LEU A 33 27.25 13.52 9.29
C LEU A 33 26.15 12.62 8.78
N LEU A 34 25.77 12.89 7.53
CA LEU A 34 24.72 12.17 6.85
C LEU A 34 24.91 10.66 6.91
N ALA A 35 26.13 10.20 6.69
CA ALA A 35 26.41 8.77 6.72
C ALA A 35 26.12 8.17 8.09
N SER A 36 26.74 8.73 9.12
CA SER A 36 26.57 8.26 10.48
C SER A 36 25.11 8.33 10.96
N SER A 37 24.38 9.35 10.50
CA SER A 37 22.97 9.52 10.86
C SER A 37 22.13 8.38 10.31
N LEU A 38 22.63 7.75 9.25
CA LEU A 38 21.95 6.65 8.60
C LEU A 38 22.46 5.27 9.04
N TYR A 39 23.77 5.05 8.97
CA TYR A 39 24.34 3.76 9.34
C TYR A 39 24.23 3.46 10.83
N ILE A 40 24.35 4.47 11.69
CA ILE A 40 24.21 4.20 13.11
C ILE A 40 22.83 3.62 13.44
N ASN A 41 21.79 4.09 12.75
CA ASN A 41 20.46 3.57 13.04
C ASN A 41 20.15 2.24 12.40
N ILE A 42 20.92 1.84 11.40
CA ILE A 42 20.72 0.53 10.81
C ILE A 42 21.17 -0.41 11.92
N ALA A 43 22.28 -0.05 12.57
CA ALA A 43 22.84 -0.83 13.67
C ALA A 43 21.93 -0.84 14.91
N LEU A 44 21.56 0.35 15.39
CA LEU A 44 20.70 0.42 16.57
C LEU A 44 19.38 -0.32 16.34
N ALA A 45 18.78 -0.14 15.17
CA ALA A 45 17.53 -0.81 14.89
C ALA A 45 17.71 -2.34 15.00
N GLY A 46 18.76 -2.85 14.37
CA GLY A 46 19.03 -4.29 14.42
C GLY A 46 19.29 -4.82 15.81
N LEU A 47 20.03 -4.07 16.60
CA LEU A 47 20.32 -4.46 17.97
C LEU A 47 19.04 -4.44 18.79
N SER A 48 18.13 -3.52 18.44
CA SER A 48 16.86 -3.42 19.17
C SER A 48 15.96 -4.63 18.94
N ILE A 49 15.96 -5.16 17.72
CA ILE A 49 15.13 -6.33 17.42
C ILE A 49 15.58 -7.53 18.25
N LEU A 50 16.89 -7.80 18.25
CA LEU A 50 17.45 -8.90 19.02
C LEU A 50 17.06 -8.77 20.49
N LEU A 51 17.37 -7.62 21.07
CA LEU A 51 17.05 -7.34 22.47
C LEU A 51 15.58 -7.53 22.77
N PHE A 52 14.71 -6.99 21.91
CA PHE A 52 13.28 -7.10 22.14
C PHE A 52 12.79 -8.52 21.98
N VAL A 53 13.33 -9.24 20.99
CA VAL A 53 12.93 -10.61 20.80
C VAL A 53 13.32 -11.37 22.06
N PHE A 54 14.57 -11.25 22.46
CA PHE A 54 15.05 -11.91 23.68
C PHE A 54 14.22 -11.54 24.92
N MET A 55 13.89 -10.26 25.08
CA MET A 55 13.10 -9.81 26.23
C MET A 55 11.71 -10.43 26.31
N THR A 56 11.10 -10.68 25.15
CA THR A 56 9.74 -11.22 25.09
C THR A 56 9.57 -12.72 24.94
N ARG A 57 10.63 -13.49 25.17
CA ARG A 57 10.57 -14.95 25.06
C ARG A 57 9.56 -15.67 25.96
N GLY A 58 9.39 -15.18 27.18
CA GLY A 58 8.47 -15.83 28.11
C GLY A 58 7.01 -15.45 28.05
N LEU A 59 6.63 -14.58 27.12
CA LEU A 59 5.24 -14.16 26.97
C LEU A 59 4.38 -15.34 26.52
N ASP A 60 3.16 -15.42 27.02
CA ASP A 60 2.24 -16.51 26.64
C ASP A 60 0.85 -16.06 26.23
N ASP A 61 0.31 -15.05 26.90
CA ASP A 61 -1.03 -14.56 26.57
C ASP A 61 -1.07 -13.98 25.15
N PRO A 62 -2.00 -14.45 24.30
CA PRO A 62 -2.10 -13.93 22.94
C PRO A 62 -2.21 -12.42 22.83
N ARG A 63 -3.02 -11.78 23.69
CA ARG A 63 -3.15 -10.33 23.63
C ARG A 63 -1.83 -9.67 24.04
N ALA A 64 -1.16 -10.23 25.05
CA ALA A 64 0.11 -9.69 25.50
C ALA A 64 1.13 -9.81 24.39
N LYS A 65 1.06 -10.91 23.63
CA LYS A 65 1.99 -11.11 22.51
C LYS A 65 1.64 -10.27 21.27
N LEU A 66 0.41 -9.77 21.20
CA LEU A 66 0.01 -8.96 20.06
C LEU A 66 0.70 -7.61 20.23
N ILE A 67 0.72 -7.11 21.47
CA ILE A 67 1.36 -5.85 21.82
C ILE A 67 2.87 -5.94 21.59
N ALA A 68 3.42 -7.14 21.81
CA ALA A 68 4.85 -7.37 21.64
C ALA A 68 5.28 -7.39 20.18
N VAL A 69 4.54 -8.11 19.35
CA VAL A 69 4.88 -8.22 17.93
C VAL A 69 4.67 -6.87 17.24
N SER A 70 3.64 -6.17 17.68
CA SER A 70 3.33 -4.86 17.13
C SER A 70 4.52 -3.93 17.39
N THR A 71 5.02 -3.95 18.63
CA THR A 71 6.15 -3.12 19.06
C THR A 71 7.45 -3.50 18.35
N ILE A 72 7.70 -4.80 18.20
CA ILE A 72 8.91 -5.29 17.55
C ILE A 72 8.95 -4.91 16.07
N LEU A 73 7.80 -4.84 15.42
CA LEU A 73 7.77 -4.48 14.01
C LEU A 73 8.25 -3.04 13.79
N VAL A 74 8.16 -2.20 14.82
CA VAL A 74 8.62 -0.82 14.69
C VAL A 74 10.09 -0.82 14.27
N PRO A 75 10.99 -1.46 15.05
CA PRO A 75 12.39 -1.47 14.65
C PRO A 75 12.67 -2.30 13.38
N VAL A 76 11.75 -3.19 13.02
CA VAL A 76 11.91 -4.00 11.80
C VAL A 76 11.66 -3.07 10.59
N VAL A 77 10.61 -2.26 10.69
CA VAL A 77 10.32 -1.30 9.62
C VAL A 77 11.48 -0.33 9.53
N SER A 78 11.99 0.07 10.68
CA SER A 78 13.09 1.03 10.77
C SER A 78 14.43 0.60 10.14
N ILE A 79 14.86 -0.63 10.39
CA ILE A 79 16.12 -1.09 9.80
C ILE A 79 16.01 -1.06 8.28
N ALA A 80 14.89 -1.55 7.75
CA ALA A 80 14.70 -1.54 6.30
C ALA A 80 14.66 -0.09 5.79
N SER A 81 14.00 0.78 6.52
CA SER A 81 13.91 2.18 6.12
C SER A 81 15.28 2.81 5.95
N TYR A 82 16.11 2.70 6.99
CA TYR A 82 17.46 3.26 6.94
C TYR A 82 18.34 2.62 5.87
N THR A 83 18.11 1.35 5.57
CA THR A 83 18.88 0.68 4.51
C THR A 83 18.51 1.35 3.18
N GLY A 84 17.23 1.66 3.02
CA GLY A 84 16.77 2.32 1.81
C GLY A 84 17.28 3.74 1.63
N LEU A 85 17.62 4.40 2.74
CA LEU A 85 18.13 5.76 2.65
C LEU A 85 19.64 5.74 2.41
N ALA A 86 20.35 4.81 3.05
CA ALA A 86 21.80 4.71 2.90
C ALA A 86 22.18 4.07 1.58
N SER A 87 21.28 3.28 0.99
CA SER A 87 21.56 2.64 -0.29
C SER A 87 21.25 3.61 -1.41
N GLY A 88 20.58 4.71 -1.07
CA GLY A 88 20.23 5.69 -2.10
C GLY A 88 18.95 5.32 -2.82
N LEU A 89 18.40 4.16 -2.50
CA LEU A 89 17.16 3.68 -3.11
C LEU A 89 15.98 4.63 -2.87
N THR A 90 15.89 5.21 -1.67
CA THR A 90 14.77 6.08 -1.35
C THR A 90 15.16 7.53 -1.11
N ILE A 91 16.13 7.99 -1.90
CA ILE A 91 16.61 9.35 -1.83
C ILE A 91 16.50 9.90 -3.24
N SER A 92 16.30 11.20 -3.36
CA SER A 92 16.20 11.86 -4.66
C SER A 92 16.65 13.31 -4.57
N VAL A 93 17.00 13.89 -5.71
CA VAL A 93 17.40 15.28 -5.77
C VAL A 93 16.21 15.97 -6.42
N LEU A 94 15.66 16.97 -5.74
CA LEU A 94 14.51 17.68 -6.27
C LEU A 94 14.74 19.18 -6.29
N GLU A 95 14.12 19.85 -7.25
CA GLU A 95 14.27 21.30 -7.36
C GLU A 95 13.11 22.03 -6.70
N MET A 96 13.41 22.87 -5.72
CA MET A 96 12.38 23.61 -5.00
C MET A 96 11.69 24.70 -5.83
N PRO A 97 10.38 24.85 -5.64
CA PRO A 97 9.60 25.84 -6.36
C PRO A 97 10.00 27.29 -6.07
N ALA A 98 9.71 28.18 -7.01
CA ALA A 98 10.02 29.59 -6.85
C ALA A 98 9.41 30.08 -5.55
N GLY A 99 10.23 30.73 -4.73
CA GLY A 99 9.76 31.23 -3.46
C GLY A 99 10.34 30.40 -2.34
N HIS A 100 10.72 29.17 -2.65
CA HIS A 100 11.27 28.28 -1.63
C HIS A 100 12.66 28.73 -1.19
N PHE A 101 12.85 28.82 0.12
CA PHE A 101 14.12 29.25 0.69
C PHE A 101 15.32 28.40 0.28
N ALA A 102 15.07 27.24 -0.32
CA ALA A 102 16.16 26.37 -0.75
C ALA A 102 16.20 26.33 -2.26
N GLU A 103 15.35 27.14 -2.91
CA GLU A 103 15.34 27.14 -4.36
C GLU A 103 16.69 27.68 -4.84
N GLY A 104 17.14 27.19 -5.99
CA GLY A 104 18.41 27.64 -6.51
C GLY A 104 19.59 27.05 -5.77
N SER A 105 19.38 25.90 -5.15
CA SER A 105 20.45 25.22 -4.42
C SER A 105 21.09 24.17 -5.32
N SER A 106 22.35 23.84 -5.03
CA SER A 106 23.09 22.85 -5.78
C SER A 106 23.54 21.83 -4.75
N VAL A 107 23.53 20.55 -5.13
CA VAL A 107 23.92 19.51 -4.20
C VAL A 107 25.34 19.03 -4.40
N MET A 108 25.91 19.29 -5.57
CA MET A 108 27.27 18.87 -5.84
C MET A 108 27.29 17.34 -5.72
N LEU A 109 26.49 16.68 -6.55
CA LEU A 109 26.41 15.23 -6.53
C LEU A 109 27.45 14.64 -7.48
N GLY A 110 27.98 13.47 -7.13
CA GLY A 110 29.00 12.84 -7.96
C GLY A 110 30.15 13.80 -8.21
N GLY A 111 30.38 14.12 -9.48
CA GLY A 111 31.45 15.03 -9.84
C GLY A 111 30.91 16.37 -10.26
N GLU A 112 29.77 16.36 -10.95
CA GLU A 112 29.11 17.56 -11.42
C GLU A 112 28.36 18.24 -10.27
N GLU A 113 27.88 19.44 -10.52
CA GLU A 113 27.10 20.17 -9.52
C GLU A 113 25.66 20.15 -9.99
N VAL A 114 24.82 19.38 -9.29
CA VAL A 114 23.42 19.25 -9.67
C VAL A 114 22.51 20.22 -8.92
N ASP A 115 21.49 20.71 -9.62
CA ASP A 115 20.55 21.65 -9.02
C ASP A 115 19.54 20.94 -8.13
N GLY A 116 18.96 21.68 -7.18
CA GLY A 116 17.99 21.09 -6.27
C GLY A 116 18.55 20.76 -4.91
N VAL A 117 17.75 20.04 -4.10
CA VAL A 117 18.16 19.66 -2.76
C VAL A 117 18.04 18.13 -2.60
N VAL A 118 18.84 17.57 -1.70
CA VAL A 118 18.80 16.13 -1.43
C VAL A 118 17.58 15.84 -0.57
N THR A 119 16.60 15.15 -1.16
CA THR A 119 15.34 14.81 -0.48
C THR A 119 15.27 13.36 -0.06
N MET A 120 15.22 13.13 1.25
CA MET A 120 15.13 11.78 1.79
C MET A 120 13.69 11.39 2.08
N TRP A 121 12.92 11.24 1.00
CA TRP A 121 11.50 10.89 1.08
C TRP A 121 11.25 9.49 1.64
N GLY A 122 12.26 8.62 1.58
CA GLY A 122 12.10 7.28 2.11
C GLY A 122 11.71 7.26 3.59
N ARG A 123 12.05 8.32 4.32
CA ARG A 123 11.70 8.41 5.74
C ARG A 123 10.18 8.51 5.89
N TYR A 124 9.59 9.43 5.14
CA TYR A 124 8.16 9.69 5.21
C TYR A 124 7.36 8.48 4.74
N LEU A 125 7.90 7.78 3.75
CA LEU A 125 7.26 6.61 3.19
C LEU A 125 7.13 5.46 4.20
N THR A 126 8.19 5.20 4.95
CA THR A 126 8.15 4.09 5.92
C THR A 126 7.43 4.44 7.20
N TRP A 127 7.35 5.73 7.54
CA TRP A 127 6.64 6.14 8.75
C TRP A 127 5.20 5.66 8.67
N ALA A 128 4.65 5.70 7.47
CA ALA A 128 3.27 5.27 7.24
C ALA A 128 3.11 3.80 7.62
N LEU A 129 4.23 3.11 7.79
CA LEU A 129 4.22 1.68 8.14
C LEU A 129 4.60 1.40 9.60
N SER A 130 5.52 2.19 10.15
CA SER A 130 5.94 1.99 11.53
C SER A 130 5.08 2.73 12.55
N THR A 131 4.65 3.95 12.24
CA THR A 131 3.83 4.71 13.21
C THR A 131 2.50 4.01 13.51
N PRO A 132 1.90 3.31 12.53
CA PRO A 132 0.64 2.63 12.85
C PRO A 132 0.88 1.50 13.88
N MET A 133 2.09 0.96 13.89
CA MET A 133 2.43 -0.10 14.84
C MET A 133 2.63 0.45 16.25
N ILE A 134 3.20 1.65 16.35
CA ILE A 134 3.40 2.30 17.64
C ILE A 134 2.00 2.53 18.23
N LEU A 135 1.08 2.94 17.36
CA LEU A 135 -0.30 3.22 17.75
C LEU A 135 -1.12 1.98 18.12
N LEU A 136 -0.90 0.87 17.42
CA LEU A 136 -1.62 -0.37 17.74
C LEU A 136 -1.21 -0.74 19.18
N ALA A 137 0.10 -0.85 19.41
CA ALA A 137 0.61 -1.18 20.75
C ALA A 137 -0.01 -0.30 21.85
N LEU A 138 0.11 1.02 21.71
CA LEU A 138 -0.42 1.96 22.68
C LEU A 138 -1.92 1.84 22.88
N GLY A 139 -2.67 1.80 21.78
CA GLY A 139 -4.11 1.68 21.86
C GLY A 139 -4.46 0.43 22.65
N LEU A 140 -3.82 -0.68 22.28
CA LEU A 140 -4.05 -1.96 22.95
C LEU A 140 -3.69 -1.82 24.42
N LEU A 141 -2.51 -1.31 24.70
CA LEU A 141 -2.08 -1.14 26.09
C LEU A 141 -3.13 -0.35 26.87
N ALA A 142 -3.77 0.60 26.19
CA ALA A 142 -4.78 1.44 26.81
C ALA A 142 -6.17 0.80 26.82
N GLY A 143 -6.26 -0.43 26.33
CA GLY A 143 -7.55 -1.11 26.28
C GLY A 143 -8.57 -0.35 25.43
N SER A 144 -8.14 0.11 24.26
CA SER A 144 -9.00 0.85 23.34
C SER A 144 -9.93 -0.05 22.50
N ASN A 145 -11.14 0.43 22.21
CA ASN A 145 -12.06 -0.33 21.36
C ASN A 145 -11.53 -0.26 19.92
N ALA A 146 -12.17 -0.99 19.00
CA ALA A 146 -11.72 -1.02 17.62
C ALA A 146 -11.94 0.29 16.85
N THR A 147 -12.97 1.03 17.23
CA THR A 147 -13.28 2.28 16.57
C THR A 147 -12.17 3.34 16.74
N LYS A 148 -11.67 3.49 17.95
CA LYS A 148 -10.63 4.47 18.20
C LYS A 148 -9.31 4.02 17.59
N LEU A 149 -9.08 2.72 17.56
CA LEU A 149 -7.86 2.18 16.97
C LEU A 149 -7.89 2.48 15.46
N PHE A 150 -9.02 2.21 14.81
CA PHE A 150 -9.19 2.43 13.37
C PHE A 150 -9.02 3.90 13.02
N THR A 151 -9.57 4.79 13.86
CA THR A 151 -9.49 6.23 13.67
C THR A 151 -8.05 6.75 13.78
N ALA A 152 -7.37 6.36 14.86
CA ALA A 152 -6.00 6.80 15.09
C ALA A 152 -5.04 6.34 13.97
N ILE A 153 -5.16 5.09 13.57
CA ILE A 153 -4.32 4.48 12.55
C ILE A 153 -4.51 5.01 11.13
N THR A 154 -5.76 5.21 10.72
CA THR A 154 -6.02 5.72 9.39
C THR A 154 -5.62 7.18 9.23
N PHE A 155 -5.81 7.97 10.27
CA PHE A 155 -5.44 9.37 10.23
C PHE A 155 -3.94 9.52 10.39
N ASP A 156 -3.33 8.52 11.02
CA ASP A 156 -1.88 8.51 11.20
C ASP A 156 -1.28 8.23 9.83
N ILE A 157 -1.86 7.27 9.12
CA ILE A 157 -1.38 6.91 7.79
C ILE A 157 -1.61 8.11 6.86
N ALA A 158 -2.78 8.74 6.96
CA ALA A 158 -3.08 9.89 6.13
C ALA A 158 -2.03 10.97 6.38
N MET A 159 -1.66 11.16 7.65
CA MET A 159 -0.68 12.16 8.01
C MET A 159 0.68 11.88 7.36
N CYS A 160 1.08 10.61 7.38
CA CYS A 160 2.36 10.22 6.82
C CYS A 160 2.36 10.37 5.32
N VAL A 161 1.28 9.92 4.69
CA VAL A 161 1.20 9.98 3.25
C VAL A 161 1.18 11.42 2.70
N THR A 162 0.45 12.32 3.36
CA THR A 162 0.39 13.71 2.90
C THR A 162 1.71 14.41 3.23
N GLY A 163 2.46 13.89 4.20
CA GLY A 163 3.74 14.48 4.53
C GLY A 163 4.73 14.12 3.42
N LEU A 164 4.60 12.88 2.94
CA LEU A 164 5.43 12.39 1.84
C LEU A 164 5.12 13.17 0.57
N ALA A 165 3.84 13.45 0.34
CA ALA A 165 3.43 14.20 -0.83
C ALA A 165 3.97 15.64 -0.77
N ALA A 166 3.98 16.23 0.41
CA ALA A 166 4.50 17.59 0.60
C ALA A 166 5.95 17.67 0.14
N ALA A 167 6.75 16.73 0.61
CA ALA A 167 8.17 16.67 0.27
C ALA A 167 8.40 16.43 -1.21
N LEU A 168 7.54 15.63 -1.82
CA LEU A 168 7.63 15.25 -3.23
C LEU A 168 7.02 16.25 -4.23
N THR A 169 6.38 17.29 -3.72
CA THR A 169 5.76 18.30 -4.57
C THR A 169 6.80 19.38 -4.85
N THR A 170 7.02 19.67 -6.13
CA THR A 170 8.01 20.67 -6.53
C THR A 170 7.44 21.74 -7.44
N SER A 171 6.16 21.62 -7.81
CA SER A 171 5.53 22.58 -8.71
C SER A 171 5.23 23.92 -8.06
N SER A 172 4.75 23.89 -6.83
CA SER A 172 4.35 25.11 -6.16
C SER A 172 4.75 25.14 -4.71
N HIS A 173 5.21 26.30 -4.25
CA HIS A 173 5.63 26.44 -2.87
C HIS A 173 4.40 26.43 -1.97
N LEU A 174 3.31 27.00 -2.47
CA LEU A 174 2.08 27.05 -1.68
C LEU A 174 1.43 25.67 -1.55
N MET A 175 1.63 24.83 -2.57
CA MET A 175 1.06 23.49 -2.53
C MET A 175 1.75 22.65 -1.48
N ARG A 176 3.06 22.83 -1.33
CA ARG A 176 3.86 22.09 -0.35
C ARG A 176 3.36 22.36 1.07
N TRP A 177 3.07 23.62 1.38
CA TRP A 177 2.62 23.98 2.72
C TRP A 177 1.15 23.64 2.92
N PHE A 178 0.43 23.45 1.82
CA PHE A 178 -0.98 23.09 1.89
C PHE A 178 -1.03 21.60 2.28
N TRP A 179 -0.13 20.80 1.69
CA TRP A 179 -0.06 19.38 2.05
C TRP A 179 0.31 19.32 3.53
N TYR A 180 1.32 20.11 3.88
CA TYR A 180 1.83 20.18 5.24
C TYR A 180 0.71 20.48 6.22
N ALA A 181 -0.18 21.39 5.83
CA ALA A 181 -1.31 21.78 6.66
C ALA A 181 -2.32 20.66 6.83
N ILE A 182 -2.60 19.95 5.72
CA ILE A 182 -3.55 18.85 5.76
C ILE A 182 -3.00 17.81 6.71
N SER A 183 -1.74 17.45 6.48
CA SER A 183 -1.05 16.47 7.30
C SER A 183 -1.13 16.88 8.78
N CYS A 184 -0.94 18.17 9.06
CA CYS A 184 -1.03 18.65 10.44
C CYS A 184 -2.42 18.40 11.02
N ALA A 185 -3.43 18.61 10.19
CA ALA A 185 -4.81 18.40 10.60
C ALA A 185 -5.03 16.94 10.98
N CYS A 186 -4.37 16.04 10.24
CA CYS A 186 -4.50 14.62 10.51
C CYS A 186 -3.80 14.32 11.82
N PHE A 187 -2.71 15.03 12.07
CA PHE A 187 -1.93 14.87 13.29
C PHE A 187 -2.74 15.19 14.54
N ILE A 188 -3.53 16.27 14.51
CA ILE A 188 -4.32 16.63 15.69
C ILE A 188 -5.30 15.53 16.07
N VAL A 189 -5.78 14.78 15.07
CA VAL A 189 -6.71 13.67 15.32
C VAL A 189 -6.03 12.59 16.16
N VAL A 190 -4.78 12.31 15.82
CA VAL A 190 -3.97 11.30 16.50
C VAL A 190 -3.66 11.77 17.91
N LEU A 191 -3.22 13.02 18.02
CA LEU A 191 -2.91 13.61 19.29
C LEU A 191 -4.13 13.63 20.20
N TYR A 192 -5.30 13.87 19.62
CA TYR A 192 -6.52 13.93 20.42
C TYR A 192 -6.88 12.56 21.00
N ILE A 193 -6.68 11.52 20.22
CA ILE A 193 -6.96 10.15 20.65
C ILE A 193 -5.98 9.75 21.74
N LEU A 194 -4.73 10.20 21.64
CA LEU A 194 -3.71 9.86 22.63
C LEU A 194 -3.91 10.63 23.93
N LEU A 195 -4.07 11.94 23.81
CA LEU A 195 -4.20 12.79 24.98
C LEU A 195 -5.57 12.86 25.63
N VAL A 196 -6.62 12.53 24.89
CA VAL A 196 -7.95 12.59 25.48
C VAL A 196 -8.63 11.22 25.63
N GLU A 197 -8.85 10.55 24.51
CA GLU A 197 -9.52 9.26 24.53
C GLU A 197 -8.80 8.18 25.30
N TRP A 198 -7.67 7.72 24.77
CA TRP A 198 -6.89 6.65 25.39
C TRP A 198 -6.38 6.94 26.81
N ALA A 199 -6.25 8.21 27.16
CA ALA A 199 -5.78 8.56 28.50
C ALA A 199 -6.83 8.09 29.52
N GLN A 200 -8.11 8.15 29.13
CA GLN A 200 -9.20 7.73 29.98
C GLN A 200 -9.38 6.21 29.92
N ASP A 201 -9.28 5.65 28.72
CA ASP A 201 -9.43 4.22 28.53
C ASP A 201 -8.41 3.40 29.29
N ALA A 202 -7.21 3.96 29.48
CA ALA A 202 -6.17 3.25 30.20
C ALA A 202 -6.49 3.12 31.68
N LYS A 203 -7.25 4.06 32.21
CA LYS A 203 -7.64 4.01 33.60
C LYS A 203 -8.55 2.81 33.81
N ALA A 204 -9.37 2.50 32.81
CA ALA A 204 -10.27 1.35 32.90
C ALA A 204 -9.50 0.05 32.65
N ALA A 205 -8.49 0.10 31.79
CA ALA A 205 -7.70 -1.10 31.49
C ALA A 205 -6.66 -1.37 32.56
N GLY A 206 -6.56 -0.47 33.55
CA GLY A 206 -5.59 -0.65 34.61
C GLY A 206 -4.13 -0.45 34.18
N THR A 207 -3.93 0.39 33.16
CA THR A 207 -2.59 0.67 32.66
C THR A 207 -2.38 2.18 32.67
N ALA A 208 -3.09 2.85 33.57
CA ALA A 208 -3.05 4.31 33.69
C ALA A 208 -1.67 4.97 33.72
N ASP A 209 -0.78 4.49 34.58
CA ASP A 209 0.54 5.09 34.71
C ASP A 209 1.49 4.85 33.55
N ILE A 210 1.64 3.59 33.16
CA ILE A 210 2.54 3.25 32.07
C ILE A 210 2.07 3.91 30.76
N PHE A 211 0.78 3.82 30.47
CA PHE A 211 0.27 4.43 29.25
C PHE A 211 0.46 5.95 29.29
N SER A 212 0.32 6.53 30.48
CA SER A 212 0.45 7.98 30.61
C SER A 212 1.92 8.36 30.36
N THR A 213 2.83 7.50 30.82
CA THR A 213 4.26 7.74 30.62
C THR A 213 4.61 7.66 29.13
N LEU A 214 4.23 6.55 28.48
CA LEU A 214 4.50 6.36 27.06
C LEU A 214 3.70 7.33 26.17
N LYS A 215 2.56 7.80 26.69
CA LYS A 215 1.73 8.75 25.97
C LYS A 215 2.47 10.07 25.86
N LEU A 216 3.08 10.48 26.97
CA LEU A 216 3.86 11.71 27.04
C LEU A 216 5.15 11.61 26.23
N LEU A 217 5.84 10.46 26.31
CA LEU A 217 7.07 10.29 25.55
C LEU A 217 6.72 10.41 24.07
N THR A 218 5.69 9.67 23.67
CA THR A 218 5.26 9.68 22.28
C THR A 218 4.84 11.06 21.80
N VAL A 219 4.00 11.77 22.56
CA VAL A 219 3.54 13.09 22.13
C VAL A 219 4.67 14.10 21.98
N VAL A 220 5.59 14.12 22.94
CA VAL A 220 6.71 15.03 22.88
C VAL A 220 7.65 14.76 21.69
N MET A 221 8.00 13.50 21.46
CA MET A 221 8.91 13.20 20.34
C MET A 221 8.26 13.43 18.99
N TRP A 222 7.02 12.96 18.81
CA TRP A 222 6.35 13.13 17.54
C TRP A 222 6.17 14.60 17.14
N LEU A 223 6.04 15.49 18.10
CA LEU A 223 5.88 16.91 17.78
C LEU A 223 7.18 17.40 17.15
N GLY A 224 8.28 16.74 17.52
CA GLY A 224 9.56 17.12 16.98
C GLY A 224 9.65 16.98 15.47
N TYR A 225 8.89 16.06 14.88
CA TYR A 225 8.97 15.85 13.44
C TYR A 225 8.53 17.00 12.54
N PRO A 226 7.30 17.51 12.72
CA PRO A 226 6.89 18.63 11.86
C PRO A 226 7.75 19.87 12.11
N ILE A 227 8.38 19.95 13.28
CA ILE A 227 9.25 21.06 13.59
C ILE A 227 10.54 20.92 12.77
N VAL A 228 11.07 19.70 12.75
CA VAL A 228 12.26 19.43 11.97
C VAL A 228 11.96 19.63 10.49
N TRP A 229 10.82 19.11 10.03
CA TRP A 229 10.44 19.25 8.62
C TRP A 229 10.43 20.75 8.26
N ALA A 230 9.82 21.55 9.13
CA ALA A 230 9.72 22.98 8.91
C ALA A 230 11.08 23.68 8.88
N LEU A 231 11.97 23.31 9.79
CA LEU A 231 13.29 23.94 9.86
C LEU A 231 14.32 23.43 8.85
N GLY A 232 14.10 22.22 8.36
CA GLY A 232 15.01 21.62 7.39
C GLY A 232 14.82 22.00 5.94
N VAL A 233 15.63 21.37 5.07
CA VAL A 233 15.59 21.65 3.64
C VAL A 233 14.19 21.60 3.03
N GLU A 234 13.34 20.71 3.54
CA GLU A 234 11.98 20.59 3.04
C GLU A 234 11.19 21.85 3.38
N GLY A 235 11.55 22.50 4.48
CA GLY A 235 10.84 23.69 4.90
C GLY A 235 11.53 25.01 4.58
N VAL A 236 11.71 25.83 5.61
CA VAL A 236 12.33 27.14 5.46
C VAL A 236 13.84 27.01 5.30
N ALA A 237 14.31 25.77 5.24
CA ALA A 237 15.72 25.47 5.04
C ALA A 237 16.77 26.15 5.93
N VAL A 238 16.53 26.25 7.23
CA VAL A 238 17.53 26.85 8.11
C VAL A 238 18.51 25.77 8.57
N LEU A 239 18.17 24.51 8.32
CA LEU A 239 19.01 23.38 8.70
C LEU A 239 19.46 22.55 7.49
N PRO A 240 20.77 22.43 7.26
CA PRO A 240 21.29 21.67 6.12
C PRO A 240 20.87 20.19 6.21
N VAL A 241 20.83 19.51 5.08
CA VAL A 241 20.40 18.12 5.00
C VAL A 241 21.02 17.16 6.03
N GLY A 242 22.31 17.30 6.28
CA GLY A 242 22.97 16.41 7.24
C GLY A 242 22.47 16.61 8.65
N TYR A 243 22.09 17.85 8.95
CA TYR A 243 21.59 18.17 10.27
C TYR A 243 20.12 17.80 10.43
N THR A 244 19.37 17.92 9.35
CA THR A 244 17.95 17.56 9.40
C THR A 244 17.88 16.04 9.53
N SER A 245 18.81 15.35 8.88
CA SER A 245 18.84 13.90 8.95
C SER A 245 19.17 13.42 10.36
N TRP A 246 20.16 14.04 11.00
CA TRP A 246 20.53 13.64 12.35
C TRP A 246 19.44 13.93 13.36
N ALA A 247 18.71 15.02 13.16
CA ALA A 247 17.62 15.37 14.07
C ALA A 247 16.51 14.30 13.94
N TYR A 248 16.24 13.85 12.73
CA TYR A 248 15.23 12.82 12.53
C TYR A 248 15.69 11.52 13.17
N SER A 249 16.97 11.20 12.98
CA SER A 249 17.56 9.97 13.51
C SER A 249 17.60 9.99 15.02
N ALA A 250 17.76 11.17 15.59
CA ALA A 250 17.81 11.28 17.04
C ALA A 250 16.38 11.09 17.56
N LEU A 251 15.42 11.63 16.83
CA LEU A 251 14.02 11.50 17.21
C LEU A 251 13.62 10.02 17.16
N ASP A 252 14.04 9.32 16.11
CA ASP A 252 13.71 7.92 15.94
C ASP A 252 14.26 7.09 17.09
N ILE A 253 15.46 7.40 17.52
CA ILE A 253 16.04 6.63 18.62
C ILE A 253 15.18 6.70 19.87
N VAL A 254 14.57 7.83 20.15
CA VAL A 254 13.73 7.92 21.35
C VAL A 254 12.30 7.44 21.10
N ALA A 255 11.69 7.96 20.04
CA ALA A 255 10.30 7.62 19.72
C ALA A 255 10.07 6.19 19.28
N LYS A 256 11.13 5.53 18.84
CA LYS A 256 11.02 4.14 18.40
C LYS A 256 11.72 3.13 19.31
N TYR A 257 13.05 3.19 19.33
CA TYR A 257 13.85 2.23 20.10
C TYR A 257 13.73 2.30 21.61
N ILE A 258 14.02 3.44 22.24
CA ILE A 258 13.88 3.43 23.68
C ILE A 258 12.39 3.35 24.06
N PHE A 259 11.52 3.91 23.22
CA PHE A 259 10.08 3.84 23.45
C PHE A 259 9.64 2.36 23.55
N ALA A 260 10.09 1.56 22.58
CA ALA A 260 9.76 0.13 22.53
C ALA A 260 10.37 -0.58 23.72
N PHE A 261 11.62 -0.23 24.04
CA PHE A 261 12.33 -0.81 25.17
C PHE A 261 11.49 -0.64 26.44
N LEU A 262 11.06 0.59 26.69
CA LEU A 262 10.26 0.87 27.88
C LEU A 262 8.92 0.13 27.89
N LEU A 263 8.23 0.09 26.74
CA LEU A 263 6.94 -0.58 26.67
C LEU A 263 7.06 -2.08 26.93
N LEU A 264 8.06 -2.71 26.32
CA LEU A 264 8.27 -4.15 26.47
C LEU A 264 8.78 -4.48 27.87
N ASN A 265 9.48 -3.53 28.50
CA ASN A 265 10.01 -3.73 29.85
C ASN A 265 8.83 -3.89 30.79
N TYR A 266 7.83 -3.03 30.63
CA TYR A 266 6.64 -3.07 31.47
C TYR A 266 5.82 -4.32 31.16
N LEU A 267 5.63 -4.55 29.87
CA LEU A 267 4.83 -5.68 29.38
C LEU A 267 5.30 -7.01 29.95
N THR A 268 6.60 -7.26 29.87
CA THR A 268 7.17 -8.51 30.35
C THR A 268 7.12 -8.68 31.86
N SER A 269 6.59 -7.69 32.57
CA SER A 269 6.48 -7.74 34.02
C SER A 269 5.01 -7.61 34.43
N ASN A 270 4.13 -7.41 33.46
CA ASN A 270 2.72 -7.22 33.76
C ASN A 270 1.81 -7.90 32.77
N GLU A 271 2.31 -8.96 32.15
CA GLU A 271 1.51 -9.69 31.17
C GLU A 271 0.08 -9.94 31.65
N GLY A 272 -0.06 -10.21 32.94
CA GLY A 272 -1.37 -10.48 33.50
C GLY A 272 -2.33 -9.31 33.38
N VAL A 273 -1.82 -8.10 33.61
CA VAL A 273 -2.65 -6.90 33.53
C VAL A 273 -3.29 -6.70 32.16
N VAL A 274 -2.55 -7.00 31.11
CA VAL A 274 -3.04 -6.82 29.74
C VAL A 274 -3.48 -8.13 29.09
N SER A 275 -3.37 -9.23 29.84
CA SER A 275 -3.74 -10.56 29.35
C SER A 275 -5.06 -10.62 28.59
N GLY A 276 -6.09 -9.96 29.11
CA GLY A 276 -7.39 -9.93 28.48
C GLY A 276 -7.64 -10.93 27.36
N SER A 277 -8.31 -10.48 26.30
CA SER A 277 -8.60 -11.34 25.15
C SER A 277 -8.90 -10.51 23.89
N GLU B 18 10.82 15.04 -21.15
CA GLU B 18 10.93 15.08 -19.67
C GLU B 18 10.01 16.16 -19.13
N VAL B 19 8.72 15.85 -19.06
CA VAL B 19 7.76 16.82 -18.57
C VAL B 19 7.95 17.03 -17.09
N THR B 20 7.90 18.30 -16.69
CA THR B 20 8.08 18.71 -15.31
C THR B 20 6.74 18.70 -14.54
N GLN B 21 6.84 18.63 -13.21
CA GLN B 21 5.66 18.62 -12.37
C GLN B 21 5.03 20.02 -12.41
N ARG B 22 5.87 21.05 -12.41
CA ARG B 22 5.39 22.44 -12.47
C ARG B 22 4.70 22.70 -13.80
N GLU B 23 5.12 22.01 -14.85
CA GLU B 23 4.51 22.16 -16.15
C GLU B 23 3.10 21.60 -16.17
N LEU B 24 2.88 20.47 -15.50
CA LEU B 24 1.55 19.88 -15.45
C LEU B 24 0.69 20.74 -14.53
N PHE B 25 1.33 21.32 -13.52
CA PHE B 25 0.65 22.20 -12.58
C PHE B 25 0.20 23.45 -13.32
N GLU B 26 1.06 23.91 -14.24
CA GLU B 26 0.77 25.10 -15.04
C GLU B 26 -0.24 24.75 -16.11
N PHE B 27 -0.17 23.52 -16.59
CA PHE B 27 -1.12 23.08 -17.59
C PHE B 27 -2.51 22.99 -16.98
N VAL B 28 -2.62 22.62 -15.71
CA VAL B 28 -3.95 22.53 -15.11
C VAL B 28 -4.48 23.96 -15.02
N LEU B 29 -3.70 24.87 -14.48
CA LEU B 29 -4.13 26.26 -14.47
C LEU B 29 -4.03 26.53 -15.99
N ASN B 30 -4.47 27.67 -16.48
CA ASN B 30 -4.38 27.95 -17.92
C ASN B 30 -5.52 27.26 -18.70
N ASP B 31 -6.08 26.22 -18.10
CA ASP B 31 -7.19 25.48 -18.68
C ASP B 31 -8.36 25.59 -17.70
N PRO B 32 -9.25 26.57 -17.90
CA PRO B 32 -10.42 26.79 -17.03
C PRO B 32 -11.26 25.55 -16.69
N LEU B 33 -11.58 24.73 -17.68
CA LEU B 33 -12.37 23.52 -17.45
C LEU B 33 -11.64 22.59 -16.48
N LEU B 34 -10.37 22.35 -16.78
CA LEU B 34 -9.53 21.48 -15.99
C LEU B 34 -9.26 22.05 -14.61
N ALA B 35 -8.88 23.32 -14.57
CA ALA B 35 -8.60 23.98 -13.31
C ALA B 35 -9.80 23.93 -12.37
N SER B 36 -10.97 24.31 -12.88
CA SER B 36 -12.16 24.32 -12.05
C SER B 36 -12.62 22.93 -11.61
N SER B 37 -12.41 21.89 -12.42
CA SER B 37 -12.86 20.57 -12.00
C SER B 37 -12.07 20.03 -10.79
N LEU B 38 -10.82 20.46 -10.67
CA LEU B 38 -9.95 20.03 -9.58
C LEU B 38 -10.01 20.91 -8.34
N TYR B 39 -9.84 22.21 -8.53
CA TYR B 39 -9.86 23.14 -7.41
C TYR B 39 -11.22 23.25 -6.72
N ILE B 40 -12.30 23.07 -7.47
CA ILE B 40 -13.63 23.13 -6.87
C ILE B 40 -13.83 21.97 -5.90
N ASN B 41 -13.32 20.80 -6.25
CA ASN B 41 -13.47 19.64 -5.38
C ASN B 41 -12.47 19.65 -4.25
N ILE B 42 -11.41 20.44 -4.36
CA ILE B 42 -10.48 20.53 -3.25
C ILE B 42 -11.25 21.30 -2.17
N ALA B 43 -12.02 22.31 -2.59
CA ALA B 43 -12.79 23.13 -1.67
C ALA B 43 -14.02 22.38 -1.13
N LEU B 44 -14.77 21.70 -1.99
CA LEU B 44 -15.96 20.94 -1.57
C LEU B 44 -15.63 19.79 -0.62
N ALA B 45 -14.52 19.10 -0.87
CA ALA B 45 -14.12 17.99 -0.01
C ALA B 45 -13.69 18.55 1.35
N GLY B 46 -12.97 19.67 1.34
CA GLY B 46 -12.54 20.28 2.58
C GLY B 46 -13.75 20.75 3.38
N LEU B 47 -14.71 21.35 2.69
CA LEU B 47 -15.93 21.83 3.31
C LEU B 47 -16.75 20.63 3.78
N SER B 48 -16.73 19.55 3.00
CA SER B 48 -17.45 18.35 3.38
C SER B 48 -16.93 17.79 4.71
N ILE B 49 -15.61 17.67 4.83
CA ILE B 49 -14.98 17.16 6.04
C ILE B 49 -15.41 17.97 7.26
N LEU B 50 -15.35 19.28 7.15
CA LEU B 50 -15.71 20.14 8.26
C LEU B 50 -17.19 19.94 8.62
N LEU B 51 -18.05 19.97 7.61
CA LEU B 51 -19.48 19.79 7.82
C LEU B 51 -19.78 18.44 8.46
N PHE B 52 -19.11 17.39 7.98
CA PHE B 52 -19.36 16.06 8.50
C PHE B 52 -18.88 15.88 9.93
N VAL B 53 -17.77 16.51 10.28
CA VAL B 53 -17.27 16.40 11.64
C VAL B 53 -18.24 17.10 12.59
N PHE B 54 -18.76 18.24 12.15
CA PHE B 54 -19.70 19.01 12.94
C PHE B 54 -21.03 18.26 13.12
N MET B 55 -21.49 17.58 12.07
CA MET B 55 -22.74 16.83 12.10
C MET B 55 -22.73 15.62 13.04
N THR B 56 -21.56 15.02 13.23
CA THR B 56 -21.47 13.82 14.05
C THR B 56 -20.85 14.02 15.41
N ARG B 57 -20.63 15.27 15.80
CA ARG B 57 -20.04 15.58 17.10
C ARG B 57 -20.92 15.08 18.22
N GLY B 58 -22.14 14.67 17.89
CA GLY B 58 -23.04 14.19 18.92
C GLY B 58 -23.10 12.70 19.11
N LEU B 59 -22.50 11.93 18.21
CA LEU B 59 -22.53 10.48 18.32
C LEU B 59 -21.85 9.98 19.58
N ASP B 60 -22.33 8.87 20.10
CA ASP B 60 -21.76 8.27 21.30
C ASP B 60 -21.47 6.80 21.09
N ASP B 61 -22.33 6.13 20.33
CA ASP B 61 -22.15 4.71 20.08
C ASP B 61 -20.92 4.37 19.24
N PRO B 62 -20.03 3.52 19.78
CA PRO B 62 -18.83 3.15 19.02
C PRO B 62 -19.07 2.61 17.60
N ARG B 63 -20.08 1.78 17.41
CA ARG B 63 -20.35 1.24 16.09
C ARG B 63 -20.81 2.37 15.15
N ALA B 64 -21.70 3.22 15.65
CA ALA B 64 -22.19 4.33 14.86
C ALA B 64 -20.98 5.19 14.49
N LYS B 65 -20.06 5.31 15.43
CA LYS B 65 -18.84 6.09 15.24
C LYS B 65 -17.88 5.45 14.25
N LEU B 66 -17.92 4.12 14.13
CA LEU B 66 -17.03 3.45 13.18
C LEU B 66 -17.55 3.83 11.79
N ILE B 67 -18.88 3.84 11.64
CA ILE B 67 -19.50 4.18 10.36
C ILE B 67 -19.22 5.64 9.99
N ALA B 68 -19.31 6.53 10.98
CA ALA B 68 -19.06 7.94 10.74
C ALA B 68 -17.62 8.24 10.30
N VAL B 69 -16.63 7.59 10.92
CA VAL B 69 -15.23 7.82 10.56
C VAL B 69 -14.86 7.23 9.19
N SER B 70 -15.32 6.02 8.92
CA SER B 70 -15.07 5.40 7.64
C SER B 70 -15.62 6.31 6.53
N THR B 71 -16.73 6.98 6.83
CA THR B 71 -17.41 7.86 5.90
C THR B 71 -16.67 9.18 5.72
N ILE B 72 -16.22 9.72 6.83
CA ILE B 72 -15.49 10.97 6.79
C ILE B 72 -14.14 10.77 6.07
N LEU B 73 -13.57 9.57 6.16
CA LEU B 73 -12.30 9.31 5.47
C LEU B 73 -12.43 9.45 3.96
N VAL B 74 -13.62 9.20 3.43
CA VAL B 74 -13.87 9.30 2.00
C VAL B 74 -13.47 10.69 1.46
N PRO B 75 -14.02 11.77 2.04
CA PRO B 75 -13.63 13.10 1.54
C PRO B 75 -12.20 13.47 1.96
N VAL B 76 -11.67 12.81 2.98
CA VAL B 76 -10.31 13.08 3.44
C VAL B 76 -9.34 12.58 2.36
N VAL B 77 -9.62 11.41 1.81
CA VAL B 77 -8.81 10.82 0.75
C VAL B 77 -9.01 11.62 -0.53
N SER B 78 -10.22 12.13 -0.68
CA SER B 78 -10.59 12.92 -1.85
C SER B 78 -9.84 14.26 -1.93
N ILE B 79 -9.75 14.97 -0.82
CA ILE B 79 -9.05 16.24 -0.86
C ILE B 79 -7.55 16.03 -1.11
N ALA B 80 -7.02 14.90 -0.64
CA ALA B 80 -5.60 14.61 -0.86
C ALA B 80 -5.41 14.26 -2.34
N SER B 81 -6.33 13.47 -2.88
CA SER B 81 -6.28 13.04 -4.28
C SER B 81 -6.37 14.20 -5.26
N TYR B 82 -7.23 15.18 -4.96
CA TYR B 82 -7.38 16.32 -5.85
C TYR B 82 -6.21 17.27 -5.73
N THR B 83 -5.56 17.28 -4.57
CA THR B 83 -4.41 18.15 -4.39
C THR B 83 -3.25 17.52 -5.16
N GLY B 84 -3.20 16.19 -5.14
CA GLY B 84 -2.16 15.47 -5.85
C GLY B 84 -2.28 15.67 -7.36
N LEU B 85 -3.51 15.84 -7.84
CA LEU B 85 -3.70 16.09 -9.27
C LEU B 85 -3.43 17.57 -9.62
N ALA B 86 -4.08 18.49 -8.91
CA ALA B 86 -3.92 19.93 -9.18
C ALA B 86 -2.46 20.39 -9.10
N SER B 87 -1.70 19.83 -8.18
CA SER B 87 -0.30 20.17 -7.99
C SER B 87 0.60 19.52 -9.04
N GLY B 88 0.02 18.63 -9.85
CA GLY B 88 0.78 17.94 -10.88
C GLY B 88 1.53 16.71 -10.43
N LEU B 89 1.53 16.44 -9.12
CA LEU B 89 2.24 15.29 -8.57
C LEU B 89 1.75 13.97 -9.13
N THR B 90 0.42 13.81 -9.25
CA THR B 90 -0.10 12.54 -9.74
C THR B 90 -0.62 12.51 -11.17
N ILE B 91 -0.14 13.45 -11.99
CA ILE B 91 -0.52 13.47 -13.39
C ILE B 91 0.74 13.19 -14.19
N SER B 92 0.58 12.66 -15.40
CA SER B 92 1.71 12.38 -16.28
C SER B 92 1.27 12.50 -17.74
N VAL B 93 2.24 12.70 -18.63
CA VAL B 93 1.94 12.76 -20.05
C VAL B 93 2.48 11.46 -20.63
N LEU B 94 1.58 10.63 -21.15
CA LEU B 94 1.99 9.35 -21.71
C LEU B 94 1.65 9.24 -23.20
N GLU B 95 2.42 8.43 -23.92
CA GLU B 95 2.18 8.22 -25.34
C GLU B 95 1.44 6.91 -25.49
N MET B 96 0.33 6.94 -26.23
CA MET B 96 -0.47 5.75 -26.42
C MET B 96 0.15 4.79 -27.44
N PRO B 97 -0.09 3.47 -27.25
CA PRO B 97 0.44 2.45 -28.15
C PRO B 97 -0.09 2.57 -29.58
N ALA B 98 0.42 1.72 -30.45
CA ALA B 98 -0.01 1.73 -31.85
C ALA B 98 -1.49 1.37 -32.00
N GLY B 99 -2.21 2.18 -32.77
CA GLY B 99 -3.62 1.91 -33.01
C GLY B 99 -4.59 2.49 -32.01
N HIS B 100 -4.08 3.01 -30.90
CA HIS B 100 -4.93 3.61 -29.89
C HIS B 100 -5.57 4.81 -30.57
N PHE B 101 -6.85 5.06 -30.27
CA PHE B 101 -7.56 6.19 -30.88
C PHE B 101 -6.86 7.52 -30.65
N ALA B 102 -6.04 7.62 -29.62
CA ALA B 102 -5.36 8.88 -29.32
C ALA B 102 -3.86 8.87 -29.60
N GLU B 103 -3.36 7.83 -30.26
CA GLU B 103 -1.94 7.79 -30.55
C GLU B 103 -1.66 8.93 -31.54
N GLY B 104 -0.64 9.71 -31.28
CA GLY B 104 -0.35 10.81 -32.20
C GLY B 104 -0.86 12.15 -31.70
N SER B 105 -1.41 12.17 -30.50
CA SER B 105 -1.90 13.42 -29.92
C SER B 105 -0.69 14.17 -29.36
N SER B 106 -0.86 15.44 -29.04
CA SER B 106 0.20 16.25 -28.47
C SER B 106 -0.47 17.11 -27.42
N VAL B 107 0.25 17.48 -26.38
CA VAL B 107 -0.35 18.27 -25.31
C VAL B 107 -0.01 19.76 -25.24
N MET B 108 1.25 20.12 -25.45
CA MET B 108 1.63 21.54 -25.38
C MET B 108 1.61 22.13 -23.97
N LEU B 109 2.80 22.27 -23.40
CA LEU B 109 2.97 22.82 -22.06
C LEU B 109 3.64 24.20 -22.19
N GLY B 110 2.85 25.26 -22.01
CA GLY B 110 3.39 26.60 -22.11
C GLY B 110 3.65 26.98 -23.57
N GLY B 111 4.91 26.91 -23.99
CA GLY B 111 5.25 27.23 -25.36
C GLY B 111 5.78 26.02 -26.10
N GLU B 112 5.87 24.89 -25.41
CA GLU B 112 6.38 23.67 -26.02
C GLU B 112 5.30 22.61 -26.25
N GLU B 113 5.40 21.91 -27.38
CA GLU B 113 4.42 20.88 -27.70
C GLU B 113 5.08 19.53 -27.43
N VAL B 114 4.37 18.66 -26.71
CA VAL B 114 4.91 17.35 -26.38
C VAL B 114 3.96 16.26 -26.84
N ASP B 115 4.51 15.16 -27.32
CA ASP B 115 3.71 14.04 -27.77
C ASP B 115 3.05 13.33 -26.59
N GLY B 116 1.83 12.86 -26.79
CA GLY B 116 1.13 12.14 -25.75
C GLY B 116 -0.18 12.73 -25.27
N VAL B 117 -0.74 12.10 -24.25
CA VAL B 117 -2.00 12.53 -23.66
C VAL B 117 -1.79 12.82 -22.18
N VAL B 118 -2.69 13.60 -21.59
CA VAL B 118 -2.58 13.92 -20.19
C VAL B 118 -3.26 12.80 -19.42
N THR B 119 -2.48 12.07 -18.65
CA THR B 119 -3.02 10.96 -17.88
C THR B 119 -3.09 11.30 -16.40
N MET B 120 -4.32 11.43 -15.91
CA MET B 120 -4.56 11.77 -14.52
C MET B 120 -4.72 10.50 -13.69
N TRP B 121 -3.63 9.72 -13.64
CA TRP B 121 -3.60 8.47 -12.91
C TRP B 121 -3.77 8.64 -11.41
N GLY B 122 -3.64 9.87 -10.91
CA GLY B 122 -3.79 10.09 -9.48
C GLY B 122 -5.16 9.66 -8.98
N ARG B 123 -6.16 9.71 -9.87
CA ARG B 123 -7.53 9.33 -9.52
C ARG B 123 -7.66 7.83 -9.35
N TYR B 124 -7.12 7.08 -10.30
CA TYR B 124 -7.21 5.63 -10.23
C TYR B 124 -6.54 5.13 -8.98
N LEU B 125 -5.40 5.72 -8.64
CA LEU B 125 -4.65 5.29 -7.47
C LEU B 125 -5.37 5.54 -6.16
N THR B 126 -5.82 6.77 -5.93
CA THR B 126 -6.51 7.08 -4.68
C THR B 126 -7.86 6.40 -4.54
N TRP B 127 -8.49 6.02 -5.64
CA TRP B 127 -9.78 5.34 -5.50
C TRP B 127 -9.56 4.05 -4.72
N ALA B 128 -8.34 3.52 -4.79
CA ALA B 128 -8.01 2.29 -4.09
C ALA B 128 -8.10 2.48 -2.58
N LEU B 129 -8.11 3.73 -2.13
CA LEU B 129 -8.18 3.99 -0.69
C LEU B 129 -9.55 4.50 -0.27
N SER B 130 -10.18 5.29 -1.13
CA SER B 130 -11.48 5.86 -0.83
C SER B 130 -12.66 4.93 -1.09
N THR B 131 -12.64 4.20 -2.19
CA THR B 131 -13.78 3.33 -2.44
C THR B 131 -13.89 2.23 -1.38
N PRO B 132 -12.77 1.74 -0.84
CA PRO B 132 -12.93 0.70 0.19
C PRO B 132 -13.67 1.27 1.40
N MET B 133 -13.46 2.56 1.65
CA MET B 133 -14.09 3.22 2.78
C MET B 133 -15.59 3.42 2.56
N ILE B 134 -15.98 3.68 1.31
CA ILE B 134 -17.39 3.86 0.97
C ILE B 134 -18.07 2.52 1.22
N LEU B 135 -17.41 1.46 0.77
CA LEU B 135 -17.93 0.12 0.93
C LEU B 135 -18.00 -0.24 2.40
N LEU B 136 -16.97 0.14 3.17
CA LEU B 136 -16.93 -0.15 4.60
C LEU B 136 -18.16 0.41 5.29
N ALA B 137 -18.42 1.70 5.06
CA ALA B 137 -19.57 2.39 5.65
C ALA B 137 -20.90 1.75 5.22
N LEU B 138 -21.03 1.46 3.92
CA LEU B 138 -22.24 0.85 3.39
C LEU B 138 -22.45 -0.56 3.95
N GLY B 139 -21.40 -1.37 3.93
CA GLY B 139 -21.51 -2.72 4.45
C GLY B 139 -21.98 -2.71 5.88
N LEU B 140 -21.27 -1.97 6.73
CA LEU B 140 -21.62 -1.86 8.14
C LEU B 140 -23.06 -1.36 8.31
N LEU B 141 -23.44 -0.31 7.58
CA LEU B 141 -24.78 0.23 7.69
C LEU B 141 -25.81 -0.85 7.37
N ALA B 142 -25.43 -1.76 6.48
CA ALA B 142 -26.30 -2.85 6.06
C ALA B 142 -26.26 -4.07 6.97
N GLY B 143 -25.38 -4.04 7.97
CA GLY B 143 -25.28 -5.18 8.88
C GLY B 143 -24.55 -6.38 8.30
N SER B 144 -23.68 -6.13 7.32
CA SER B 144 -22.92 -7.20 6.69
C SER B 144 -22.02 -7.95 7.67
N ASN B 145 -21.69 -9.18 7.33
CA ASN B 145 -20.79 -9.95 8.17
C ASN B 145 -19.40 -9.69 7.60
N ALA B 146 -18.36 -10.17 8.25
CA ALA B 146 -17.01 -9.93 7.78
C ALA B 146 -16.70 -10.47 6.39
N THR B 147 -17.14 -11.69 6.12
CA THR B 147 -16.86 -12.31 4.82
C THR B 147 -17.29 -11.50 3.60
N LYS B 148 -18.44 -10.83 3.71
CA LYS B 148 -18.94 -10.03 2.61
C LYS B 148 -18.15 -8.72 2.50
N LEU B 149 -17.75 -8.16 3.66
CA LEU B 149 -16.97 -6.93 3.68
C LEU B 149 -15.63 -7.22 3.02
N PHE B 150 -15.00 -8.29 3.47
CA PHE B 150 -13.71 -8.71 2.95
C PHE B 150 -13.78 -8.92 1.44
N THR B 151 -14.91 -9.45 0.97
CA THR B 151 -15.09 -9.71 -0.46
C THR B 151 -15.32 -8.45 -1.28
N ALA B 152 -16.26 -7.62 -0.84
CA ALA B 152 -16.52 -6.37 -1.53
C ALA B 152 -15.22 -5.55 -1.62
N ILE B 153 -14.58 -5.37 -0.47
CA ILE B 153 -13.35 -4.59 -0.36
C ILE B 153 -12.14 -5.09 -1.14
N THR B 154 -11.80 -6.38 -1.03
CA THR B 154 -10.65 -6.88 -1.76
C THR B 154 -10.80 -6.72 -3.27
N PHE B 155 -11.94 -7.16 -3.83
CA PHE B 155 -12.16 -7.03 -5.27
C PHE B 155 -12.38 -5.58 -5.71
N ASP B 156 -12.77 -4.72 -4.77
CA ASP B 156 -12.96 -3.30 -5.09
C ASP B 156 -11.55 -2.77 -5.36
N ILE B 157 -10.63 -3.15 -4.49
CA ILE B 157 -9.22 -2.75 -4.61
C ILE B 157 -8.58 -3.32 -5.87
N ALA B 158 -8.86 -4.59 -6.17
CA ALA B 158 -8.30 -5.24 -7.37
C ALA B 158 -8.81 -4.48 -8.61
N MET B 159 -10.03 -3.97 -8.52
CA MET B 159 -10.66 -3.22 -9.61
C MET B 159 -9.88 -1.92 -9.88
N CYS B 160 -9.68 -1.14 -8.83
CA CYS B 160 -8.97 0.12 -8.90
C CYS B 160 -7.53 -0.05 -9.36
N VAL B 161 -6.84 -1.05 -8.82
CA VAL B 161 -5.45 -1.29 -9.18
C VAL B 161 -5.26 -1.66 -10.64
N THR B 162 -6.14 -2.52 -11.18
CA THR B 162 -6.03 -2.92 -12.56
C THR B 162 -6.47 -1.78 -13.49
N GLY B 163 -7.36 -0.93 -13.01
CA GLY B 163 -7.76 0.20 -13.82
C GLY B 163 -6.54 1.11 -13.96
N LEU B 164 -5.78 1.24 -12.89
CA LEU B 164 -4.56 2.07 -12.89
C LEU B 164 -3.56 1.46 -13.88
N ALA B 165 -3.38 0.14 -13.81
CA ALA B 165 -2.49 -0.57 -14.71
C ALA B 165 -2.88 -0.32 -16.16
N ALA B 166 -4.19 -0.30 -16.42
CA ALA B 166 -4.70 -0.07 -17.76
C ALA B 166 -4.30 1.31 -18.28
N ALA B 167 -4.44 2.31 -17.41
CA ALA B 167 -4.10 3.69 -17.77
C ALA B 167 -2.58 3.87 -17.93
N LEU B 168 -1.81 3.08 -17.20
CA LEU B 168 -0.36 3.19 -17.25
C LEU B 168 0.32 2.33 -18.31
N THR B 169 -0.43 1.40 -18.90
CA THR B 169 0.12 0.53 -19.93
C THR B 169 0.14 1.22 -21.31
N THR B 170 1.35 1.44 -21.83
CA THR B 170 1.48 2.11 -23.13
C THR B 170 2.16 1.24 -24.19
N SER B 171 2.49 0.01 -23.84
CA SER B 171 3.16 -0.89 -24.78
C SER B 171 2.24 -1.48 -25.85
N SER B 172 1.00 -1.74 -25.48
CA SER B 172 0.04 -2.36 -26.39
C SER B 172 -1.38 -1.88 -26.17
N HIS B 173 -2.09 -1.62 -27.28
CA HIS B 173 -3.47 -1.17 -27.22
C HIS B 173 -4.34 -2.26 -26.62
N LEU B 174 -4.10 -3.51 -27.01
CA LEU B 174 -4.89 -4.61 -26.49
C LEU B 174 -4.65 -4.88 -25.01
N MET B 175 -3.41 -4.75 -24.55
CA MET B 175 -3.11 -4.96 -23.14
C MET B 175 -3.98 -4.03 -22.30
N ARG B 176 -4.04 -2.76 -22.70
CA ARG B 176 -4.85 -1.78 -22.00
C ARG B 176 -6.27 -2.30 -21.78
N TRP B 177 -7.00 -2.54 -22.87
CA TRP B 177 -8.37 -3.02 -22.75
C TRP B 177 -8.47 -4.36 -22.04
N PHE B 178 -7.38 -5.11 -21.99
CA PHE B 178 -7.42 -6.39 -21.28
C PHE B 178 -7.40 -6.12 -19.77
N TRP B 179 -6.64 -5.10 -19.38
CA TRP B 179 -6.55 -4.69 -17.97
C TRP B 179 -7.96 -4.22 -17.58
N TYR B 180 -8.55 -3.43 -18.46
CA TYR B 180 -9.88 -2.87 -18.28
C TYR B 180 -10.92 -3.96 -18.07
N ALA B 181 -10.76 -5.08 -18.77
CA ALA B 181 -11.70 -6.19 -18.67
C ALA B 181 -11.57 -6.86 -17.31
N ILE B 182 -10.34 -7.09 -16.89
CA ILE B 182 -10.11 -7.71 -15.59
C ILE B 182 -10.76 -6.84 -14.52
N SER B 183 -10.59 -5.53 -14.67
CA SER B 183 -11.15 -4.56 -13.74
C SER B 183 -12.68 -4.63 -13.70
N CYS B 184 -13.30 -4.83 -14.87
CA CYS B 184 -14.75 -4.93 -14.95
C CYS B 184 -15.22 -6.19 -14.25
N ALA B 185 -14.45 -7.28 -14.37
CA ALA B 185 -14.84 -8.52 -13.71
C ALA B 185 -14.87 -8.29 -12.20
N CYS B 186 -13.84 -7.63 -11.70
CA CYS B 186 -13.76 -7.34 -10.29
C CYS B 186 -14.95 -6.47 -9.87
N PHE B 187 -15.32 -5.54 -10.75
CA PHE B 187 -16.44 -4.63 -10.50
C PHE B 187 -17.76 -5.40 -10.35
N ILE B 188 -18.07 -6.31 -11.26
CA ILE B 188 -19.33 -7.05 -11.15
C ILE B 188 -19.45 -7.69 -9.76
N VAL B 189 -18.33 -8.19 -9.23
CA VAL B 189 -18.31 -8.80 -7.91
C VAL B 189 -18.83 -7.78 -6.88
N VAL B 190 -18.31 -6.56 -6.94
CA VAL B 190 -18.75 -5.53 -5.99
C VAL B 190 -20.24 -5.26 -6.18
N LEU B 191 -20.66 -5.10 -7.43
CA LEU B 191 -22.06 -4.84 -7.74
C LEU B 191 -22.95 -5.95 -7.23
N TYR B 192 -22.47 -7.18 -7.36
CA TYR B 192 -23.23 -8.33 -6.91
C TYR B 192 -23.54 -8.27 -5.42
N ILE B 193 -22.50 -8.11 -4.59
CA ILE B 193 -22.75 -8.06 -3.16
C ILE B 193 -23.58 -6.82 -2.80
N LEU B 194 -23.46 -5.75 -3.59
CA LEU B 194 -24.22 -4.52 -3.33
C LEU B 194 -25.70 -4.64 -3.67
N LEU B 195 -25.98 -5.22 -4.84
CA LEU B 195 -27.33 -5.37 -5.35
C LEU B 195 -28.10 -6.56 -4.81
N VAL B 196 -27.38 -7.61 -4.44
CA VAL B 196 -28.02 -8.81 -3.93
C VAL B 196 -27.81 -9.02 -2.43
N GLU B 197 -26.57 -9.32 -2.05
CA GLU B 197 -26.23 -9.57 -0.67
C GLU B 197 -26.69 -8.51 0.33
N TRP B 198 -26.04 -7.34 0.32
CA TRP B 198 -26.38 -6.28 1.28
C TRP B 198 -27.80 -5.72 1.22
N ALA B 199 -28.50 -5.96 0.11
CA ALA B 199 -29.87 -5.49 -0.02
C ALA B 199 -30.75 -6.23 0.97
N GLN B 200 -30.43 -7.50 1.20
CA GLN B 200 -31.16 -8.36 2.14
C GLN B 200 -30.74 -8.10 3.58
N ASP B 201 -29.43 -8.02 3.80
CA ASP B 201 -28.89 -7.79 5.14
C ASP B 201 -29.46 -6.51 5.72
N ALA B 202 -29.59 -5.48 4.88
CA ALA B 202 -30.12 -4.20 5.33
C ALA B 202 -31.51 -4.34 5.96
N LYS B 203 -32.34 -5.19 5.37
CA LYS B 203 -33.69 -5.40 5.88
C LYS B 203 -33.59 -5.98 7.28
N ALA B 204 -32.73 -6.98 7.44
CA ALA B 204 -32.52 -7.63 8.71
C ALA B 204 -31.93 -6.68 9.75
N ALA B 205 -31.21 -5.66 9.30
CA ALA B 205 -30.58 -4.72 10.21
C ALA B 205 -31.45 -3.49 10.50
N GLY B 206 -32.58 -3.38 9.81
CA GLY B 206 -33.47 -2.26 10.01
C GLY B 206 -33.04 -0.98 9.30
N THR B 207 -32.21 -1.13 8.27
CA THR B 207 -31.71 0.01 7.52
C THR B 207 -32.01 -0.03 6.03
N ALA B 208 -33.00 -0.84 5.65
CA ALA B 208 -33.38 -1.00 4.24
C ALA B 208 -33.72 0.31 3.52
N ASP B 209 -34.41 1.20 4.22
CA ASP B 209 -34.80 2.48 3.64
C ASP B 209 -33.58 3.27 3.13
N ILE B 210 -32.67 3.60 4.05
CA ILE B 210 -31.48 4.35 3.69
C ILE B 210 -30.52 3.56 2.76
N PHE B 211 -30.37 2.27 3.01
CA PHE B 211 -29.48 1.48 2.17
C PHE B 211 -29.92 1.54 0.72
N SER B 212 -31.22 1.32 0.52
CA SER B 212 -31.78 1.35 -0.82
C SER B 212 -31.43 2.63 -1.56
N THR B 213 -31.52 3.76 -0.85
CA THR B 213 -31.22 5.05 -1.46
C THR B 213 -29.73 5.14 -1.82
N LEU B 214 -28.87 4.68 -0.92
CA LEU B 214 -27.43 4.74 -1.12
C LEU B 214 -26.94 3.66 -2.09
N LYS B 215 -27.58 2.50 -2.09
CA LYS B 215 -27.21 1.41 -2.97
C LYS B 215 -27.53 1.79 -4.41
N LEU B 216 -28.63 2.50 -4.58
CA LEU B 216 -29.06 2.95 -5.90
C LEU B 216 -28.12 4.04 -6.36
N LEU B 217 -27.83 4.97 -5.46
CA LEU B 217 -26.93 6.08 -5.75
C LEU B 217 -25.55 5.54 -6.14
N THR B 218 -25.02 4.66 -5.29
CA THR B 218 -23.72 4.06 -5.50
C THR B 218 -23.61 3.35 -6.85
N VAL B 219 -24.53 2.44 -7.11
CA VAL B 219 -24.52 1.68 -8.35
C VAL B 219 -24.61 2.50 -9.64
N VAL B 220 -25.49 3.50 -9.66
CA VAL B 220 -25.64 4.32 -10.84
C VAL B 220 -24.40 5.17 -11.08
N MET B 221 -23.90 5.78 -10.01
CA MET B 221 -22.71 6.63 -10.09
C MET B 221 -21.45 5.84 -10.44
N TRP B 222 -21.26 4.71 -9.77
CA TRP B 222 -20.07 3.88 -10.00
C TRP B 222 -20.02 3.39 -11.45
N LEU B 223 -21.19 3.16 -12.04
CA LEU B 223 -21.25 2.71 -13.41
C LEU B 223 -20.69 3.78 -14.33
N GLY B 224 -20.89 5.05 -13.96
CA GLY B 224 -20.40 6.14 -14.77
C GLY B 224 -18.90 6.23 -15.01
N TYR B 225 -18.11 5.83 -14.01
CA TYR B 225 -16.64 5.89 -14.13
C TYR B 225 -16.06 5.08 -15.28
N PRO B 226 -16.42 3.79 -15.41
CA PRO B 226 -15.85 3.03 -16.52
C PRO B 226 -16.36 3.49 -17.89
N ILE B 227 -17.44 4.29 -17.88
CA ILE B 227 -17.98 4.82 -19.12
C ILE B 227 -17.12 6.01 -19.49
N VAL B 228 -16.95 6.91 -18.51
CA VAL B 228 -16.13 8.10 -18.69
C VAL B 228 -14.71 7.70 -19.13
N TRP B 229 -14.15 6.69 -18.47
CA TRP B 229 -12.81 6.22 -18.81
C TRP B 229 -12.76 5.82 -20.28
N ALA B 230 -13.73 5.04 -20.73
CA ALA B 230 -13.78 4.55 -22.11
C ALA B 230 -13.98 5.62 -23.18
N LEU B 231 -14.66 6.71 -22.81
CA LEU B 231 -14.93 7.79 -23.74
C LEU B 231 -13.83 8.84 -23.81
N GLY B 232 -13.01 8.93 -22.75
CA GLY B 232 -11.94 9.92 -22.72
C GLY B 232 -10.65 9.49 -23.39
N VAL B 233 -9.63 10.34 -23.28
CA VAL B 233 -8.33 10.09 -23.88
C VAL B 233 -7.71 8.71 -23.63
N GLU B 234 -8.05 8.09 -22.51
CA GLU B 234 -7.51 6.78 -22.17
C GLU B 234 -8.18 5.70 -22.99
N GLY B 235 -9.41 5.97 -23.41
CA GLY B 235 -10.17 5.01 -24.20
C GLY B 235 -10.29 5.39 -25.66
N VAL B 236 -11.52 5.54 -26.14
CA VAL B 236 -11.76 5.90 -27.53
C VAL B 236 -11.56 7.41 -27.76
N ALA B 237 -11.13 8.09 -26.70
CA ALA B 237 -10.86 9.52 -26.79
C ALA B 237 -11.83 10.30 -27.66
N VAL B 238 -13.04 10.50 -27.17
CA VAL B 238 -14.03 11.29 -27.91
C VAL B 238 -14.29 12.52 -27.08
N LEU B 239 -13.94 12.46 -25.80
CA LEU B 239 -14.10 13.60 -24.89
C LEU B 239 -12.73 14.14 -24.54
N PRO B 240 -12.59 15.48 -24.48
CA PRO B 240 -11.32 16.12 -24.14
C PRO B 240 -10.99 15.89 -22.66
N VAL B 241 -9.71 16.06 -22.31
CA VAL B 241 -9.26 15.88 -20.93
C VAL B 241 -10.07 16.73 -19.94
N GLY B 242 -10.39 17.96 -20.33
CA GLY B 242 -11.14 18.85 -19.46
C GLY B 242 -12.56 18.37 -19.22
N TYR B 243 -13.15 17.76 -20.24
CA TYR B 243 -14.51 17.25 -20.14
C TYR B 243 -14.58 15.99 -19.27
N THR B 244 -13.64 15.07 -19.51
CA THR B 244 -13.58 13.83 -18.75
C THR B 244 -13.31 14.14 -17.28
N SER B 245 -12.52 15.18 -17.01
CA SER B 245 -12.20 15.56 -15.65
C SER B 245 -13.43 16.07 -14.90
N TRP B 246 -14.28 16.84 -15.58
CA TRP B 246 -15.50 17.36 -14.95
C TRP B 246 -16.53 16.24 -14.78
N ALA B 247 -16.48 15.25 -15.66
CA ALA B 247 -17.40 14.12 -15.55
C ALA B 247 -17.06 13.36 -14.26
N TYR B 248 -15.78 13.14 -14.03
CA TYR B 248 -15.34 12.46 -12.82
C TYR B 248 -15.65 13.32 -11.59
N SER B 249 -15.28 14.59 -11.63
CA SER B 249 -15.53 15.49 -10.52
C SER B 249 -17.01 15.50 -10.18
N ALA B 250 -17.84 15.43 -11.21
CA ALA B 250 -19.29 15.43 -11.05
C ALA B 250 -19.73 14.16 -10.35
N LEU B 251 -19.17 13.04 -10.78
CA LEU B 251 -19.49 11.77 -10.17
C LEU B 251 -19.07 11.77 -8.69
N ASP B 252 -17.85 12.22 -8.41
CA ASP B 252 -17.35 12.28 -7.04
C ASP B 252 -18.24 13.14 -6.15
N ILE B 253 -18.78 14.23 -6.70
CA ILE B 253 -19.65 15.09 -5.91
C ILE B 253 -20.88 14.31 -5.43
N VAL B 254 -21.35 13.38 -6.24
CA VAL B 254 -22.51 12.58 -5.86
C VAL B 254 -22.09 11.29 -5.14
N ALA B 255 -21.23 10.52 -5.79
CA ALA B 255 -20.76 9.26 -5.24
C ALA B 255 -20.05 9.41 -3.89
N LYS B 256 -19.44 10.57 -3.67
CA LYS B 256 -18.73 10.81 -2.41
C LYS B 256 -19.36 11.79 -1.43
N TYR B 257 -19.42 13.06 -1.82
CA TYR B 257 -19.92 14.09 -0.92
C TYR B 257 -21.41 14.04 -0.57
N ILE B 258 -22.33 14.09 -1.53
CA ILE B 258 -23.73 14.04 -1.12
C ILE B 258 -24.02 12.64 -0.58
N PHE B 259 -23.32 11.63 -1.09
CA PHE B 259 -23.52 10.27 -0.58
C PHE B 259 -23.12 10.21 0.90
N ALA B 260 -22.06 10.92 1.26
CA ALA B 260 -21.63 10.92 2.66
C ALA B 260 -22.56 11.78 3.50
N PHE B 261 -23.12 12.84 2.92
CA PHE B 261 -24.03 13.71 3.67
C PHE B 261 -25.31 12.95 4.03
N LEU B 262 -25.86 12.27 3.05
CA LEU B 262 -27.08 11.49 3.22
C LEU B 262 -26.90 10.38 4.25
N LEU B 263 -25.77 9.69 4.18
CA LEU B 263 -25.49 8.60 5.10
C LEU B 263 -25.30 9.10 6.54
N LEU B 264 -24.61 10.22 6.68
CA LEU B 264 -24.36 10.79 8.00
C LEU B 264 -25.60 11.46 8.58
N ASN B 265 -26.47 11.96 7.70
CA ASN B 265 -27.70 12.62 8.15
C ASN B 265 -28.61 11.54 8.71
N TYR B 266 -28.61 10.39 8.05
CA TYR B 266 -29.41 9.27 8.52
C TYR B 266 -28.79 8.89 9.86
N LEU B 267 -27.54 8.48 9.80
CA LEU B 267 -26.76 8.04 10.95
C LEU B 267 -26.96 8.87 12.23
N THR B 268 -26.97 10.20 12.08
CA THR B 268 -27.13 11.08 13.23
C THR B 268 -28.55 11.07 13.80
N SER B 269 -29.50 10.58 13.03
CA SER B 269 -30.90 10.52 13.47
C SER B 269 -31.31 9.09 13.81
N ASN B 270 -30.42 8.13 13.55
CA ASN B 270 -30.72 6.73 13.83
C ASN B 270 -29.55 6.03 14.48
N GLU B 271 -28.85 6.75 15.35
CA GLU B 271 -27.72 6.21 16.05
C GLU B 271 -28.06 4.91 16.76
N GLY B 272 -29.29 4.85 17.30
CA GLY B 272 -29.74 3.67 18.01
C GLY B 272 -29.91 2.43 17.15
N VAL B 273 -30.49 2.60 15.95
CA VAL B 273 -30.69 1.44 15.09
C VAL B 273 -29.40 0.81 14.61
N VAL B 274 -28.40 1.63 14.28
CA VAL B 274 -27.12 1.09 13.81
C VAL B 274 -26.27 0.56 14.98
N SER B 275 -26.61 0.95 16.20
CA SER B 275 -25.88 0.50 17.38
C SER B 275 -25.85 -1.03 17.48
N GLY B 276 -27.00 -1.65 17.23
CA GLY B 276 -27.09 -3.09 17.29
C GLY B 276 -27.98 -3.60 18.41
N GLU C 18 17.01 5.73 -22.40
CA GLU C 18 15.57 6.06 -22.60
C GLU C 18 14.80 4.85 -23.13
N VAL C 19 14.69 3.81 -22.29
CA VAL C 19 13.99 2.60 -22.68
C VAL C 19 12.50 2.76 -22.43
N THR C 20 11.68 2.43 -23.43
CA THR C 20 10.24 2.55 -23.31
C THR C 20 9.56 1.22 -22.99
N GLN C 21 8.33 1.31 -22.51
CA GLN C 21 7.54 0.14 -22.14
C GLN C 21 7.38 -0.73 -23.39
N ARG C 22 7.23 -0.08 -24.53
CA ARG C 22 7.06 -0.74 -25.83
C ARG C 22 8.24 -1.67 -26.17
N GLU C 23 9.46 -1.22 -25.89
CA GLU C 23 10.65 -2.03 -26.19
C GLU C 23 10.74 -3.24 -25.27
N LEU C 24 10.28 -3.09 -24.04
CA LEU C 24 10.30 -4.18 -23.07
C LEU C 24 9.29 -5.24 -23.46
N PHE C 25 8.14 -4.79 -23.97
CA PHE C 25 7.08 -5.69 -24.41
C PHE C 25 7.61 -6.53 -25.56
N GLU C 26 8.18 -5.86 -26.55
CA GLU C 26 8.74 -6.52 -27.71
C GLU C 26 9.92 -7.39 -27.28
N PHE C 27 10.61 -6.95 -26.22
CA PHE C 27 11.74 -7.72 -25.71
C PHE C 27 11.27 -9.06 -25.16
N VAL C 28 10.13 -9.05 -24.46
CA VAL C 28 9.59 -10.27 -23.90
C VAL C 28 9.28 -11.25 -25.03
N LEU C 29 8.99 -10.70 -26.20
CA LEU C 29 8.72 -11.52 -27.38
C LEU C 29 10.13 -11.77 -27.94
N ASN C 30 10.25 -12.48 -29.05
CA ASN C 30 11.57 -12.76 -29.62
C ASN C 30 12.36 -13.68 -28.70
N ASP C 31 11.88 -13.83 -27.47
CA ASP C 31 12.52 -14.68 -26.48
C ASP C 31 11.48 -15.65 -25.92
N PRO C 32 11.09 -16.65 -26.74
CA PRO C 32 10.12 -17.70 -26.44
C PRO C 32 10.20 -18.29 -25.05
N LEU C 33 11.40 -18.35 -24.50
CA LEU C 33 11.57 -18.90 -23.15
C LEU C 33 10.94 -17.94 -22.14
N LEU C 34 11.21 -16.66 -22.34
CA LEU C 34 10.69 -15.61 -21.47
C LEU C 34 9.20 -15.41 -21.72
N ALA C 35 8.83 -15.24 -22.98
CA ALA C 35 7.44 -15.02 -23.36
C ALA C 35 6.47 -16.12 -22.91
N SER C 36 6.81 -17.37 -23.19
CA SER C 36 5.93 -18.47 -22.82
C SER C 36 5.67 -18.58 -21.31
N SER C 37 6.74 -18.51 -20.52
CA SER C 37 6.60 -18.61 -19.06
C SER C 37 5.58 -17.62 -18.50
N LEU C 38 5.50 -16.44 -19.11
CA LEU C 38 4.58 -15.40 -18.67
C LEU C 38 3.14 -15.63 -19.14
N TYR C 39 2.93 -15.61 -20.46
CA TYR C 39 1.58 -15.82 -20.99
C TYR C 39 0.95 -17.14 -20.60
N ILE C 40 1.77 -18.17 -20.39
CA ILE C 40 1.25 -19.47 -19.99
C ILE C 40 0.51 -19.37 -18.66
N ASN C 41 1.07 -18.61 -17.72
CA ASN C 41 0.46 -18.46 -16.42
C ASN C 41 -0.75 -17.52 -16.45
N ILE C 42 -0.74 -16.56 -17.36
CA ILE C 42 -1.86 -15.65 -17.49
C ILE C 42 -3.13 -16.47 -17.72
N ALA C 43 -2.99 -17.51 -18.53
CA ALA C 43 -4.12 -18.39 -18.86
C ALA C 43 -4.38 -19.41 -17.77
N LEU C 44 -3.31 -19.97 -17.22
CA LEU C 44 -3.47 -20.96 -16.16
C LEU C 44 -4.14 -20.32 -14.94
N ALA C 45 -3.77 -19.08 -14.64
CA ALA C 45 -4.36 -18.36 -13.52
C ALA C 45 -5.84 -18.13 -13.80
N GLY C 46 -6.13 -17.66 -15.00
CA GLY C 46 -7.50 -17.40 -15.40
C GLY C 46 -8.39 -18.62 -15.31
N LEU C 47 -7.97 -19.71 -15.93
CA LEU C 47 -8.73 -20.96 -15.89
C LEU C 47 -8.88 -21.42 -14.46
N SER C 48 -7.85 -21.19 -13.66
CA SER C 48 -7.87 -21.59 -12.26
C SER C 48 -9.02 -20.91 -11.53
N ILE C 49 -9.20 -19.62 -11.79
CA ILE C 49 -10.26 -18.86 -11.16
C ILE C 49 -11.63 -19.44 -11.51
N LEU C 50 -11.87 -19.64 -12.81
CA LEU C 50 -13.15 -20.19 -13.27
C LEU C 50 -13.49 -21.46 -12.52
N LEU C 51 -12.52 -22.38 -12.47
CA LEU C 51 -12.72 -23.65 -11.77
C LEU C 51 -13.08 -23.44 -10.29
N PHE C 52 -12.28 -22.64 -9.58
CA PHE C 52 -12.52 -22.40 -8.16
C PHE C 52 -13.86 -21.75 -7.85
N VAL C 53 -14.34 -20.91 -8.75
CA VAL C 53 -15.62 -20.24 -8.55
C VAL C 53 -16.77 -21.23 -8.60
N PHE C 54 -16.70 -22.17 -9.53
CA PHE C 54 -17.76 -23.17 -9.65
C PHE C 54 -17.65 -24.23 -8.57
N MET C 55 -16.44 -24.51 -8.12
CA MET C 55 -16.21 -25.51 -7.08
C MET C 55 -16.78 -25.07 -5.73
N THR C 56 -16.75 -23.77 -5.46
CA THR C 56 -17.23 -23.25 -4.18
C THR C 56 -18.63 -22.70 -4.20
N ARG C 57 -19.37 -22.98 -5.26
CA ARG C 57 -20.74 -22.51 -5.40
C ARG C 57 -21.64 -23.06 -4.29
N GLY C 58 -21.29 -24.24 -3.79
CA GLY C 58 -22.10 -24.87 -2.75
C GLY C 58 -21.99 -24.35 -1.33
N LEU C 59 -20.88 -23.69 -0.99
CA LEU C 59 -20.68 -23.16 0.36
C LEU C 59 -21.73 -22.15 0.80
N ASP C 60 -22.10 -22.20 2.06
CA ASP C 60 -23.09 -21.28 2.63
C ASP C 60 -22.62 -20.72 3.96
N ASP C 61 -21.60 -21.35 4.54
CA ASP C 61 -21.05 -20.92 5.83
C ASP C 61 -20.10 -19.73 5.68
N PRO C 62 -20.50 -18.58 6.22
CA PRO C 62 -19.65 -17.39 6.13
C PRO C 62 -18.17 -17.64 6.41
N ARG C 63 -17.87 -18.43 7.44
CA ARG C 63 -16.48 -18.71 7.75
C ARG C 63 -15.86 -19.61 6.66
N ALA C 64 -16.66 -20.53 6.13
CA ALA C 64 -16.19 -21.42 5.08
C ALA C 64 -15.97 -20.63 3.80
N LYS C 65 -16.81 -19.63 3.55
CA LYS C 65 -16.70 -18.80 2.36
C LYS C 65 -15.58 -17.76 2.46
N LEU C 66 -15.20 -17.39 3.68
CA LEU C 66 -14.12 -16.43 3.86
C LEU C 66 -12.84 -17.14 3.44
N ILE C 67 -12.73 -18.40 3.81
CA ILE C 67 -11.56 -19.20 3.47
C ILE C 67 -11.43 -19.32 1.96
N ALA C 68 -12.56 -19.54 1.28
CA ALA C 68 -12.56 -19.69 -0.18
C ALA C 68 -12.21 -18.39 -0.92
N VAL C 69 -12.78 -17.27 -0.46
CA VAL C 69 -12.50 -15.99 -1.10
C VAL C 69 -11.03 -15.62 -1.10
N SER C 70 -10.36 -15.81 0.04
CA SER C 70 -8.95 -15.48 0.13
C SER C 70 -8.07 -16.45 -0.67
N THR C 71 -8.58 -17.67 -0.85
CA THR C 71 -7.86 -18.69 -1.60
C THR C 71 -7.99 -18.34 -3.08
N ILE C 72 -9.19 -17.92 -3.47
CA ILE C 72 -9.47 -17.54 -4.85
C ILE C 72 -8.74 -16.26 -5.26
N LEU C 73 -8.46 -15.38 -4.31
CA LEU C 73 -7.76 -14.13 -4.58
C LEU C 73 -6.31 -14.33 -5.03
N VAL C 74 -5.73 -15.48 -4.67
CA VAL C 74 -4.34 -15.76 -5.04
C VAL C 74 -4.17 -15.80 -6.56
N PRO C 75 -5.00 -16.60 -7.26
CA PRO C 75 -4.88 -16.66 -8.72
C PRO C 75 -5.31 -15.34 -9.37
N VAL C 76 -6.13 -14.58 -8.66
CA VAL C 76 -6.59 -13.28 -9.14
C VAL C 76 -5.44 -12.28 -9.17
N VAL C 77 -4.61 -12.28 -8.13
CA VAL C 77 -3.47 -11.37 -8.08
C VAL C 77 -2.42 -11.80 -9.12
N SER C 78 -2.36 -13.10 -9.38
CA SER C 78 -1.39 -13.68 -10.32
C SER C 78 -1.57 -13.28 -11.80
N ILE C 79 -2.81 -13.32 -12.30
CA ILE C 79 -3.05 -12.92 -13.70
C ILE C 79 -2.66 -11.47 -13.89
N ALA C 80 -2.99 -10.66 -12.88
CA ALA C 80 -2.66 -9.24 -12.91
C ALA C 80 -1.15 -9.12 -12.90
N SER C 81 -0.51 -9.90 -12.02
CA SER C 81 0.94 -9.88 -11.92
C SER C 81 1.61 -10.31 -13.23
N TYR C 82 1.15 -11.40 -13.83
CA TYR C 82 1.73 -11.85 -15.08
C TYR C 82 1.41 -10.94 -16.24
N THR C 83 0.26 -10.29 -16.16
CA THR C 83 -0.10 -9.36 -17.22
C THR C 83 0.80 -8.13 -17.10
N GLY C 84 1.04 -7.68 -15.88
CA GLY C 84 1.91 -6.53 -15.69
C GLY C 84 3.29 -6.80 -16.24
N LEU C 85 3.77 -8.02 -16.03
CA LEU C 85 5.08 -8.43 -16.50
C LEU C 85 5.09 -8.57 -18.03
N ALA C 86 4.20 -9.41 -18.56
CA ALA C 86 4.13 -9.60 -20.01
C ALA C 86 3.98 -8.29 -20.76
N SER C 87 3.27 -7.33 -20.17
CA SER C 87 3.05 -6.05 -20.82
C SER C 87 4.27 -5.14 -20.81
N GLY C 88 5.15 -5.32 -19.83
CA GLY C 88 6.33 -4.48 -19.75
C GLY C 88 6.12 -3.34 -18.76
N LEU C 89 4.94 -3.31 -18.15
CA LEU C 89 4.62 -2.30 -17.18
C LEU C 89 5.52 -2.45 -15.96
N THR C 90 5.62 -3.67 -15.44
CA THR C 90 6.43 -3.94 -14.25
C THR C 90 7.80 -4.61 -14.50
N ILE C 91 8.50 -4.17 -15.55
CA ILE C 91 9.82 -4.71 -15.90
C ILE C 91 10.70 -3.50 -16.13
N SER C 92 11.99 -3.60 -15.79
CA SER C 92 12.90 -2.49 -16.00
C SER C 92 14.32 -2.90 -16.33
N VAL C 93 15.08 -1.97 -16.91
CA VAL C 93 16.48 -2.22 -17.23
C VAL C 93 17.34 -1.48 -16.22
N LEU C 94 17.95 -2.23 -15.31
CA LEU C 94 18.79 -1.66 -14.28
C LEU C 94 20.27 -2.02 -14.46
N GLU C 95 21.13 -1.01 -14.33
CA GLU C 95 22.56 -1.23 -14.44
C GLU C 95 23.08 -1.66 -13.07
N MET C 96 23.47 -2.93 -12.94
CA MET C 96 23.96 -3.47 -11.68
C MET C 96 25.26 -2.79 -11.22
N PRO C 97 25.53 -2.81 -9.91
CA PRO C 97 26.72 -2.20 -9.31
C PRO C 97 28.04 -2.97 -9.49
N ALA C 98 29.13 -2.21 -9.50
CA ALA C 98 30.47 -2.77 -9.63
C ALA C 98 30.65 -3.91 -8.62
N GLY C 99 31.24 -5.02 -9.08
CA GLY C 99 31.45 -6.15 -8.21
C GLY C 99 30.36 -7.17 -8.39
N HIS C 100 29.26 -6.75 -9.02
CA HIS C 100 28.14 -7.63 -9.28
C HIS C 100 28.41 -8.46 -10.55
N PHE C 101 28.10 -9.75 -10.50
CA PHE C 101 28.32 -10.63 -11.64
C PHE C 101 27.65 -10.20 -12.93
N ALA C 102 26.44 -9.65 -12.84
CA ALA C 102 25.72 -9.22 -14.03
C ALA C 102 26.15 -7.81 -14.43
N GLU C 103 27.05 -7.22 -13.64
CA GLU C 103 27.52 -5.89 -13.95
C GLU C 103 28.25 -5.93 -15.29
N GLY C 104 28.06 -4.89 -16.10
CA GLY C 104 28.71 -4.84 -17.39
C GLY C 104 27.88 -5.49 -18.50
N SER C 105 26.70 -5.99 -18.16
CA SER C 105 25.82 -6.63 -19.14
C SER C 105 25.10 -5.64 -20.05
N SER C 106 24.58 -6.18 -21.15
CA SER C 106 23.82 -5.41 -22.14
C SER C 106 22.53 -6.18 -22.35
N VAL C 107 21.61 -5.60 -23.11
CA VAL C 107 20.34 -6.28 -23.35
C VAL C 107 19.84 -6.11 -24.79
N MET C 108 19.89 -4.89 -25.29
CA MET C 108 19.42 -4.60 -26.66
C MET C 108 17.91 -4.86 -26.78
N LEU C 109 17.12 -3.82 -26.60
CA LEU C 109 15.67 -3.92 -26.66
C LEU C 109 15.14 -3.91 -28.09
N GLY C 110 16.03 -4.19 -29.05
CA GLY C 110 15.65 -4.22 -30.44
C GLY C 110 16.88 -4.12 -31.32
N GLY C 111 17.22 -2.90 -31.72
CA GLY C 111 18.39 -2.70 -32.56
C GLY C 111 19.48 -1.97 -31.80
N GLU C 112 19.06 -1.22 -30.78
CA GLU C 112 19.98 -0.45 -29.95
C GLU C 112 20.17 -1.19 -28.62
N GLU C 113 21.41 -1.49 -28.29
CA GLU C 113 21.73 -2.20 -27.06
C GLU C 113 22.10 -1.25 -25.92
N VAL C 114 21.43 -1.40 -24.79
CA VAL C 114 21.67 -0.55 -23.63
C VAL C 114 22.33 -1.32 -22.51
N ASP C 115 23.03 -0.59 -21.64
CA ASP C 115 23.73 -1.20 -20.51
C ASP C 115 22.73 -1.56 -19.41
N GLY C 116 22.93 -2.72 -18.79
CA GLY C 116 22.05 -3.13 -17.72
C GLY C 116 21.50 -4.54 -17.87
N VAL C 117 20.49 -4.86 -17.06
CA VAL C 117 19.85 -6.17 -17.07
C VAL C 117 18.33 -6.01 -17.02
N VAL C 118 17.61 -7.07 -17.39
CA VAL C 118 16.15 -7.04 -17.40
C VAL C 118 15.61 -7.41 -16.01
N THR C 119 15.14 -6.40 -15.28
CA THR C 119 14.63 -6.61 -13.94
C THR C 119 13.11 -6.75 -13.91
N MET C 120 12.66 -7.92 -13.48
CA MET C 120 11.24 -8.20 -13.39
C MET C 120 10.73 -8.02 -11.96
N TRP C 121 10.90 -6.81 -11.45
CA TRP C 121 10.48 -6.48 -10.09
C TRP C 121 8.99 -6.70 -9.91
N GLY C 122 8.26 -6.74 -11.03
CA GLY C 122 6.83 -6.95 -10.98
C GLY C 122 6.39 -8.14 -10.14
N ARG C 123 7.21 -9.19 -10.12
CA ARG C 123 6.91 -10.40 -9.34
C ARG C 123 7.00 -10.16 -7.84
N TYR C 124 8.14 -9.60 -7.44
CA TYR C 124 8.41 -9.31 -6.03
C TYR C 124 7.34 -8.38 -5.43
N LEU C 125 6.91 -7.40 -6.21
CA LEU C 125 5.88 -6.46 -5.78
C LEU C 125 4.56 -7.16 -5.46
N THR C 126 4.01 -7.85 -6.46
CA THR C 126 2.73 -8.54 -6.26
C THR C 126 2.74 -9.65 -5.21
N TRP C 127 3.92 -10.20 -4.91
CA TRP C 127 3.98 -11.26 -3.90
C TRP C 127 3.48 -10.73 -2.56
N ALA C 128 3.64 -9.43 -2.34
CA ALA C 128 3.20 -8.81 -1.09
C ALA C 128 1.68 -8.87 -0.96
N LEU C 129 1.01 -9.14 -2.08
CA LEU C 129 -0.44 -9.21 -2.13
C LEU C 129 -1.00 -10.64 -2.06
N SER C 130 -0.45 -11.52 -2.89
CA SER C 130 -0.90 -12.91 -2.93
C SER C 130 -0.55 -13.71 -1.69
N THR C 131 0.73 -13.73 -1.33
CA THR C 131 1.20 -14.49 -0.16
C THR C 131 0.42 -14.17 1.11
N PRO C 132 0.10 -12.89 1.37
CA PRO C 132 -0.65 -12.72 2.60
C PRO C 132 -1.97 -13.48 2.53
N MET C 133 -2.51 -13.61 1.31
CA MET C 133 -3.77 -14.32 1.08
C MET C 133 -3.67 -15.82 1.33
N ILE C 134 -2.56 -16.43 0.88
CA ILE C 134 -2.37 -17.86 1.14
C ILE C 134 -2.38 -18.02 2.66
N LEU C 135 -1.56 -17.21 3.32
CA LEU C 135 -1.44 -17.25 4.77
C LEU C 135 -2.78 -17.05 5.46
N LEU C 136 -3.59 -16.10 4.97
CA LEU C 136 -4.89 -15.87 5.59
C LEU C 136 -5.68 -17.18 5.52
N ALA C 137 -5.56 -17.86 4.38
CA ALA C 137 -6.25 -19.13 4.14
C ALA C 137 -5.82 -20.17 5.16
N LEU C 138 -4.54 -20.49 5.15
CA LEU C 138 -3.99 -21.47 6.07
C LEU C 138 -4.36 -21.13 7.51
N GLY C 139 -4.03 -19.90 7.92
CA GLY C 139 -4.35 -19.48 9.27
C GLY C 139 -5.78 -19.76 9.71
N LEU C 140 -6.74 -19.50 8.82
CA LEU C 140 -8.14 -19.73 9.15
C LEU C 140 -8.48 -21.22 9.22
N LEU C 141 -7.86 -21.99 8.32
CA LEU C 141 -8.06 -23.42 8.25
C LEU C 141 -7.63 -24.01 9.58
N ALA C 142 -6.47 -23.57 10.07
CA ALA C 142 -5.92 -24.07 11.33
C ALA C 142 -6.49 -23.43 12.59
N GLY C 143 -7.60 -22.72 12.47
CA GLY C 143 -8.19 -22.09 13.64
C GLY C 143 -7.21 -21.20 14.40
N SER C 144 -6.38 -20.47 13.67
CA SER C 144 -5.41 -19.57 14.29
C SER C 144 -6.12 -18.44 15.03
N ASN C 145 -5.43 -17.78 15.96
CA ASN C 145 -6.04 -16.65 16.64
C ASN C 145 -5.53 -15.39 15.91
N ALA C 146 -6.07 -14.23 16.26
CA ALA C 146 -5.66 -13.00 15.58
C ALA C 146 -4.18 -12.70 15.66
N THR C 147 -3.60 -12.83 16.85
CA THR C 147 -2.18 -12.54 17.03
C THR C 147 -1.26 -13.29 16.05
N LYS C 148 -1.54 -14.57 15.84
CA LYS C 148 -0.74 -15.39 14.93
C LYS C 148 -0.94 -15.02 13.46
N LEU C 149 -2.16 -14.64 13.10
CA LEU C 149 -2.43 -14.24 11.72
C LEU C 149 -1.66 -12.94 11.44
N PHE C 150 -1.83 -11.97 12.34
CA PHE C 150 -1.16 -10.67 12.23
C PHE C 150 0.35 -10.81 12.11
N THR C 151 0.92 -11.69 12.94
CA THR C 151 2.35 -11.93 12.94
C THR C 151 2.88 -12.51 11.62
N ALA C 152 2.20 -13.52 11.09
CA ALA C 152 2.62 -14.17 9.85
C ALA C 152 2.50 -13.24 8.64
N ILE C 153 1.37 -12.55 8.55
CA ILE C 153 1.11 -11.64 7.44
C ILE C 153 2.03 -10.42 7.38
N THR C 154 2.29 -9.79 8.51
CA THR C 154 3.17 -8.62 8.54
C THR C 154 4.63 -8.94 8.20
N PHE C 155 5.13 -10.06 8.73
CA PHE C 155 6.50 -10.44 8.44
C PHE C 155 6.62 -10.98 7.02
N ASP C 156 5.52 -11.55 6.54
CA ASP C 156 5.49 -12.07 5.16
C ASP C 156 5.62 -10.89 4.20
N ILE C 157 4.86 -9.83 4.48
CA ILE C 157 4.88 -8.64 3.63
C ILE C 157 6.26 -7.98 3.69
N ALA C 158 6.88 -7.98 4.87
CA ALA C 158 8.21 -7.38 5.03
C ALA C 158 9.21 -8.15 4.16
N MET C 159 9.08 -9.47 4.16
CA MET C 159 9.92 -10.37 3.37
C MET C 159 9.87 -9.96 1.89
N CYS C 160 8.66 -9.80 1.37
CA CYS C 160 8.46 -9.42 -0.03
C CYS C 160 8.98 -8.05 -0.39
N VAL C 161 8.65 -7.05 0.44
CA VAL C 161 9.07 -5.69 0.16
C VAL C 161 10.59 -5.49 0.26
N THR C 162 11.25 -6.22 1.16
CA THR C 162 12.69 -6.05 1.25
C THR C 162 13.36 -6.75 0.06
N GLY C 163 12.72 -7.81 -0.44
CA GLY C 163 13.22 -8.51 -1.61
C GLY C 163 13.13 -7.58 -2.81
N LEU C 164 12.02 -6.86 -2.89
CA LEU C 164 11.82 -5.91 -3.98
C LEU C 164 12.86 -4.80 -3.86
N ALA C 165 13.18 -4.39 -2.64
CA ALA C 165 14.20 -3.35 -2.45
C ALA C 165 15.56 -3.89 -2.87
N ALA C 166 15.78 -5.17 -2.61
CA ALA C 166 17.04 -5.82 -3.00
C ALA C 166 17.22 -5.65 -4.51
N ALA C 167 16.24 -6.14 -5.27
CA ALA C 167 16.26 -6.07 -6.74
C ALA C 167 16.42 -4.68 -7.32
N LEU C 168 15.90 -3.66 -6.65
CA LEU C 168 16.00 -2.30 -7.17
C LEU C 168 17.25 -1.54 -6.74
N THR C 169 18.02 -2.10 -5.81
CA THR C 169 19.24 -1.45 -5.35
C THR C 169 20.35 -1.64 -6.39
N THR C 170 20.78 -0.53 -6.97
CA THR C 170 21.80 -0.56 -8.02
C THR C 170 23.07 0.22 -7.62
N SER C 171 23.10 0.71 -6.39
CA SER C 171 24.22 1.52 -5.90
C SER C 171 25.39 0.74 -5.32
N SER C 172 25.10 -0.41 -4.72
CA SER C 172 26.14 -1.21 -4.09
C SER C 172 25.78 -2.68 -4.06
N HIS C 173 26.78 -3.53 -4.24
CA HIS C 173 26.59 -4.97 -4.26
C HIS C 173 26.27 -5.50 -2.87
N LEU C 174 26.92 -4.93 -1.85
CA LEU C 174 26.70 -5.37 -0.48
C LEU C 174 25.28 -5.04 0.01
N MET C 175 24.82 -3.83 -0.25
CA MET C 175 23.49 -3.42 0.17
C MET C 175 22.49 -4.46 -0.36
N ARG C 176 22.60 -4.78 -1.64
CA ARG C 176 21.71 -5.76 -2.26
C ARG C 176 21.63 -7.06 -1.45
N TRP C 177 22.77 -7.56 -1.01
CA TRP C 177 22.78 -8.80 -0.23
C TRP C 177 22.31 -8.61 1.21
N PHE C 178 22.47 -7.38 1.71
CA PHE C 178 22.01 -7.07 3.06
C PHE C 178 20.49 -7.17 3.03
N TRP C 179 19.88 -6.62 1.99
CA TRP C 179 18.43 -6.69 1.84
C TRP C 179 18.02 -8.15 1.85
N TYR C 180 18.68 -8.94 1.02
CA TYR C 180 18.41 -10.37 0.91
C TYR C 180 18.38 -11.02 2.29
N ALA C 181 19.32 -10.63 3.14
CA ALA C 181 19.43 -11.17 4.49
C ALA C 181 18.24 -10.78 5.37
N ILE C 182 17.82 -9.52 5.28
CA ILE C 182 16.69 -9.04 6.06
C ILE C 182 15.43 -9.81 5.64
N SER C 183 15.31 -10.08 4.35
CA SER C 183 14.15 -10.81 3.85
C SER C 183 14.11 -12.25 4.35
N CYS C 184 15.28 -12.88 4.46
CA CYS C 184 15.36 -14.26 4.95
C CYS C 184 14.94 -14.33 6.41
N ALA C 185 15.32 -13.31 7.18
CA ALA C 185 14.98 -13.26 8.60
C ALA C 185 13.48 -13.16 8.82
N CYS C 186 12.77 -12.49 7.92
CA CYS C 186 11.32 -12.36 8.06
C CYS C 186 10.68 -13.68 7.63
N PHE C 187 11.31 -14.33 6.67
CA PHE C 187 10.86 -15.61 6.14
C PHE C 187 10.75 -16.63 7.28
N ILE C 188 11.81 -16.76 8.07
CA ILE C 188 11.84 -17.71 9.18
C ILE C 188 10.64 -17.54 10.12
N VAL C 189 10.18 -16.29 10.27
CA VAL C 189 9.05 -16.02 11.14
C VAL C 189 7.79 -16.67 10.57
N VAL C 190 7.65 -16.58 9.25
CA VAL C 190 6.50 -17.17 8.58
C VAL C 190 6.63 -18.69 8.68
N LEU C 191 7.81 -19.19 8.31
CA LEU C 191 8.08 -20.62 8.37
C LEU C 191 7.77 -21.13 9.77
N TYR C 192 8.21 -20.37 10.78
CA TYR C 192 7.98 -20.77 12.16
C TYR C 192 6.51 -20.93 12.52
N ILE C 193 5.65 -19.99 12.13
CA ILE C 193 4.23 -20.14 12.46
C ILE C 193 3.59 -21.30 11.70
N LEU C 194 4.07 -21.55 10.49
CA LEU C 194 3.55 -22.63 9.66
C LEU C 194 3.83 -23.98 10.32
N LEU C 195 5.13 -24.28 10.43
CA LEU C 195 5.60 -25.53 11.01
C LEU C 195 5.27 -25.77 12.49
N VAL C 196 5.50 -24.77 13.33
CA VAL C 196 5.25 -24.94 14.75
C VAL C 196 3.88 -24.51 15.27
N GLU C 197 3.52 -23.25 15.06
CA GLU C 197 2.26 -22.69 15.55
C GLU C 197 0.93 -23.22 15.01
N TRP C 198 0.66 -22.96 13.73
CA TRP C 198 -0.60 -23.40 13.15
C TRP C 198 -0.72 -24.93 13.13
N ALA C 199 0.41 -25.62 13.08
CA ALA C 199 0.41 -27.07 13.09
C ALA C 199 -0.30 -27.55 14.35
N GLN C 200 -0.04 -26.89 15.47
CA GLN C 200 -0.67 -27.28 16.73
C GLN C 200 -2.11 -26.81 16.78
N ASP C 201 -2.38 -25.61 16.27
CA ASP C 201 -3.73 -25.06 16.27
C ASP C 201 -4.69 -25.86 15.39
N ALA C 202 -4.17 -26.42 14.31
CA ALA C 202 -5.00 -27.20 13.39
C ALA C 202 -5.66 -28.38 14.11
N LYS C 203 -4.97 -28.91 15.12
CA LYS C 203 -5.51 -30.02 15.89
C LYS C 203 -6.81 -29.63 16.59
N ALA C 204 -6.76 -28.54 17.35
CA ALA C 204 -7.94 -28.07 18.07
C ALA C 204 -9.06 -27.72 17.09
N ALA C 205 -8.68 -27.24 15.92
CA ALA C 205 -9.66 -26.87 14.89
C ALA C 205 -10.21 -28.13 14.23
N GLY C 206 -9.43 -29.22 14.27
CA GLY C 206 -9.86 -30.46 13.67
C GLY C 206 -9.60 -30.51 12.18
N THR C 207 -8.50 -29.89 11.77
CA THR C 207 -8.12 -29.83 10.36
C THR C 207 -6.65 -30.16 10.17
N ALA C 208 -6.05 -30.81 11.16
CA ALA C 208 -4.64 -31.17 11.10
C ALA C 208 -4.34 -32.03 9.87
N ASP C 209 -5.31 -32.86 9.51
CA ASP C 209 -5.19 -33.75 8.36
C ASP C 209 -4.82 -32.96 7.11
N ILE C 210 -5.76 -32.15 6.63
CA ILE C 210 -5.56 -31.32 5.44
C ILE C 210 -4.50 -30.26 5.67
N PHE C 211 -4.42 -29.75 6.90
CA PHE C 211 -3.43 -28.72 7.21
C PHE C 211 -2.02 -29.23 6.99
N SER C 212 -1.75 -30.45 7.41
CA SER C 212 -0.43 -31.06 7.26
C SER C 212 -0.02 -31.07 5.79
N THR C 213 -0.99 -31.35 4.93
CA THR C 213 -0.76 -31.42 3.49
C THR C 213 -0.32 -30.08 2.90
N LEU C 214 -1.20 -29.08 3.01
CA LEU C 214 -0.91 -27.75 2.48
C LEU C 214 0.35 -27.18 3.10
N LYS C 215 0.51 -27.39 4.41
CA LYS C 215 1.68 -26.90 5.16
C LYS C 215 2.98 -27.46 4.57
N LEU C 216 2.97 -28.75 4.27
CA LEU C 216 4.15 -29.40 3.72
C LEU C 216 4.41 -28.81 2.34
N LEU C 217 3.34 -28.58 1.59
CA LEU C 217 3.43 -28.03 0.25
C LEU C 217 3.99 -26.61 0.28
N THR C 218 3.33 -25.74 1.02
CA THR C 218 3.74 -24.34 1.16
C THR C 218 5.24 -24.18 1.41
N VAL C 219 5.70 -24.69 2.55
CA VAL C 219 7.11 -24.59 2.94
C VAL C 219 8.12 -24.99 1.86
N VAL C 220 7.93 -26.16 1.28
CA VAL C 220 8.85 -26.64 0.25
C VAL C 220 8.91 -25.70 -0.92
N MET C 221 7.74 -25.36 -1.47
CA MET C 221 7.64 -24.47 -2.62
C MET C 221 8.24 -23.09 -2.38
N TRP C 222 7.81 -22.42 -1.30
CA TRP C 222 8.34 -21.09 -1.00
C TRP C 222 9.86 -21.14 -0.87
N LEU C 223 10.36 -22.12 -0.13
CA LEU C 223 11.81 -22.28 0.06
C LEU C 223 12.60 -22.16 -1.24
N GLY C 224 11.92 -22.40 -2.37
CA GLY C 224 12.60 -22.33 -3.65
C GLY C 224 12.73 -20.97 -4.28
N TYR C 225 11.88 -20.02 -3.89
CA TYR C 225 11.94 -18.69 -4.48
C TYR C 225 13.26 -17.99 -4.19
N PRO C 226 13.71 -17.99 -2.92
CA PRO C 226 14.97 -17.32 -2.61
C PRO C 226 16.15 -17.93 -3.36
N ILE C 227 16.08 -19.25 -3.59
CA ILE C 227 17.15 -19.96 -4.30
C ILE C 227 17.27 -19.47 -5.74
N VAL C 228 16.14 -19.47 -6.46
CA VAL C 228 16.13 -19.03 -7.85
C VAL C 228 16.68 -17.60 -7.94
N TRP C 229 16.31 -16.78 -6.97
CA TRP C 229 16.75 -15.39 -6.93
C TRP C 229 18.27 -15.30 -6.90
N ALA C 230 18.88 -16.03 -5.97
CA ALA C 230 20.34 -16.02 -5.82
C ALA C 230 21.06 -16.53 -7.06
N LEU C 231 20.41 -17.40 -7.82
CA LEU C 231 20.99 -17.96 -9.04
C LEU C 231 20.82 -17.06 -10.24
N GLY C 232 19.60 -16.57 -10.44
CA GLY C 232 19.31 -15.70 -11.57
C GLY C 232 20.16 -14.44 -11.63
N VAL C 233 19.95 -13.65 -12.67
CA VAL C 233 20.68 -12.41 -12.90
C VAL C 233 20.69 -11.45 -11.71
N GLU C 234 19.66 -11.52 -10.85
CA GLU C 234 19.59 -10.65 -9.68
C GLU C 234 20.72 -11.01 -8.72
N GLY C 235 21.00 -12.30 -8.60
CA GLY C 235 22.07 -12.75 -7.71
C GLY C 235 23.40 -13.04 -8.39
N VAL C 236 23.83 -14.28 -8.33
CA VAL C 236 25.12 -14.70 -8.93
C VAL C 236 25.10 -14.57 -10.45
N ALA C 237 23.90 -14.58 -11.01
CA ALA C 237 23.70 -14.45 -12.45
C ALA C 237 24.18 -15.64 -13.29
N VAL C 238 23.92 -16.86 -12.84
CA VAL C 238 24.32 -18.03 -13.59
C VAL C 238 23.16 -18.48 -14.49
N LEU C 239 21.95 -18.55 -13.92
CA LEU C 239 20.78 -18.95 -14.69
C LEU C 239 20.30 -17.83 -15.60
N PRO C 240 19.79 -18.18 -16.79
CA PRO C 240 19.30 -17.18 -17.74
C PRO C 240 17.93 -16.65 -17.28
N VAL C 241 17.62 -15.42 -17.66
CA VAL C 241 16.35 -14.82 -17.28
C VAL C 241 15.17 -15.69 -17.70
N GLY C 242 15.33 -16.39 -18.81
CA GLY C 242 14.27 -17.25 -19.31
C GLY C 242 14.04 -18.47 -18.43
N TYR C 243 15.11 -18.99 -17.84
CA TYR C 243 15.00 -20.15 -16.98
C TYR C 243 14.51 -19.78 -15.59
N THR C 244 15.08 -18.71 -15.04
CA THR C 244 14.67 -18.24 -13.73
C THR C 244 13.19 -17.91 -13.74
N SER C 245 12.73 -17.33 -14.86
CA SER C 245 11.32 -17.00 -15.00
C SER C 245 10.49 -18.28 -14.99
N TRP C 246 10.89 -19.27 -15.77
CA TRP C 246 10.16 -20.54 -15.81
C TRP C 246 10.19 -21.25 -14.46
N ALA C 247 11.25 -21.01 -13.71
CA ALA C 247 11.42 -21.61 -12.40
C ALA C 247 10.32 -21.06 -11.49
N TYR C 248 10.19 -19.74 -11.44
CA TYR C 248 9.17 -19.08 -10.64
C TYR C 248 7.81 -19.50 -11.18
N SER C 249 7.66 -19.36 -12.49
CA SER C 249 6.40 -19.70 -13.14
C SER C 249 6.03 -21.11 -12.72
N ALA C 250 7.03 -21.99 -12.67
CA ALA C 250 6.83 -23.37 -12.26
C ALA C 250 6.42 -23.44 -10.78
N LEU C 251 7.12 -22.68 -9.94
CA LEU C 251 6.84 -22.64 -8.52
C LEU C 251 5.44 -22.10 -8.21
N ASP C 252 5.03 -21.06 -8.94
CA ASP C 252 3.70 -20.48 -8.72
C ASP C 252 2.61 -21.49 -8.99
N ILE C 253 2.79 -22.27 -10.07
CA ILE C 253 1.83 -23.29 -10.46
C ILE C 253 1.50 -24.24 -9.32
N VAL C 254 2.50 -24.56 -8.51
CA VAL C 254 2.30 -25.45 -7.37
C VAL C 254 1.96 -24.65 -6.11
N ALA C 255 2.77 -23.64 -5.83
CA ALA C 255 2.58 -22.80 -4.65
C ALA C 255 1.24 -22.05 -4.64
N LYS C 256 0.60 -21.93 -5.80
CA LYS C 256 -0.67 -21.22 -5.87
C LYS C 256 -1.87 -22.04 -6.35
N TYR C 257 -1.87 -22.39 -7.64
CA TYR C 257 -3.00 -23.12 -8.23
C TYR C 257 -3.28 -24.51 -7.64
N ILE C 258 -2.30 -25.40 -7.67
CA ILE C 258 -2.53 -26.73 -7.10
C ILE C 258 -2.84 -26.59 -5.62
N PHE C 259 -2.20 -25.62 -4.96
CA PHE C 259 -2.43 -25.38 -3.54
C PHE C 259 -3.87 -24.93 -3.31
N ALA C 260 -4.37 -24.11 -4.23
CA ALA C 260 -5.73 -23.59 -4.15
C ALA C 260 -6.76 -24.71 -4.33
N PHE C 261 -6.50 -25.60 -5.28
CA PHE C 261 -7.41 -26.71 -5.55
C PHE C 261 -7.57 -27.64 -4.35
N LEU C 262 -6.44 -28.11 -3.83
CA LEU C 262 -6.46 -29.01 -2.69
C LEU C 262 -7.25 -28.40 -1.53
N LEU C 263 -6.98 -27.14 -1.22
CA LEU C 263 -7.65 -26.45 -0.13
C LEU C 263 -9.15 -26.33 -0.39
N LEU C 264 -9.51 -25.86 -1.59
CA LEU C 264 -10.92 -25.71 -1.93
C LEU C 264 -11.60 -27.07 -1.99
N ASN C 265 -10.92 -28.05 -2.57
CA ASN C 265 -11.48 -29.40 -2.67
C ASN C 265 -11.91 -29.86 -1.27
N TYR C 266 -11.09 -29.55 -0.27
CA TYR C 266 -11.39 -29.93 1.11
C TYR C 266 -12.57 -29.15 1.67
N LEU C 267 -12.50 -27.83 1.56
CA LEU C 267 -13.52 -26.94 2.07
C LEU C 267 -14.94 -27.35 1.66
N THR C 268 -15.11 -27.68 0.39
CA THR C 268 -16.42 -28.09 -0.12
C THR C 268 -16.87 -29.44 0.44
N SER C 269 -15.90 -30.29 0.75
CA SER C 269 -16.19 -31.61 1.31
C SER C 269 -16.39 -31.57 2.82
N ASN C 270 -15.76 -30.60 3.48
CA ASN C 270 -15.86 -30.49 4.93
C ASN C 270 -16.22 -29.09 5.41
N GLU C 271 -17.24 -28.50 4.82
CA GLU C 271 -17.67 -27.16 5.20
C GLU C 271 -18.06 -27.09 6.68
N GLY C 272 -18.56 -28.21 7.21
CA GLY C 272 -18.97 -28.23 8.61
C GLY C 272 -17.78 -28.19 9.56
N VAL C 273 -16.65 -28.72 9.11
CA VAL C 273 -15.43 -28.73 9.92
C VAL C 273 -14.94 -27.33 10.25
N VAL C 274 -14.69 -26.54 9.22
CA VAL C 274 -14.20 -25.18 9.39
C VAL C 274 -15.29 -24.14 9.61
N SER C 275 -16.53 -24.59 9.73
CA SER C 275 -17.64 -23.66 9.94
C SER C 275 -17.49 -22.94 11.27
N GLY C 276 -18.36 -21.96 11.50
CA GLY C 276 -18.30 -21.19 12.73
C GLY C 276 -17.64 -19.85 12.50
C1 RET D . 5.30 15.64 8.87
C2 RET D . 5.15 16.84 7.86
C3 RET D . 3.85 17.47 7.72
C4 RET D . 3.12 17.75 9.02
C5 RET D . 3.27 16.69 10.12
C6 RET D . 4.26 15.67 10.09
C7 RET D . 4.28 14.65 11.26
C8 RET D . 5.09 13.57 11.41
C9 RET D . 5.24 12.64 12.52
C10 RET D . 6.15 11.62 12.34
C11 RET D . 6.52 10.62 13.32
C12 RET D . 7.41 9.68 13.00
C13 RET D . 7.90 8.59 13.86
C14 RET D . 8.74 7.74 13.23
C15 RET D . 9.29 6.46 13.67
C16 RET D . 5.10 14.41 7.97
C17 RET D . 6.77 15.69 9.30
C18 RET D . 2.20 16.86 11.21
C19 RET D . 4.46 12.82 13.80
C20 RET D . 7.43 8.38 15.30
N NO3 E . 10.52 3.68 9.95
O1 NO3 E . 9.35 4.17 9.41
O2 NO3 E . 10.49 2.73 10.95
O3 NO3 E . 11.72 4.10 9.52
N NO3 F . -15.63 5.32 19.98
O1 NO3 F . -16.47 4.80 18.99
O2 NO3 F . -15.75 4.86 21.28
O3 NO3 F . -14.69 6.25 19.71
N NO3 G . -0.18 -15.91 20.49
O1 NO3 G . -0.14 -14.56 20.89
O2 NO3 G . 0.73 -16.39 19.55
O3 NO3 G . -1.10 -16.78 21.01
C1 RET H . -12.09 1.96 -14.12
C2 RET H . -11.39 1.40 -15.43
C3 RET H . -11.59 0.00 -15.78
C4 RET H . -13.00 -0.51 -15.59
C5 RET H . -13.71 -0.04 -14.33
C6 RET H . -13.34 1.11 -13.60
C7 RET H . -14.22 1.45 -12.36
C8 RET H . -14.09 2.45 -11.47
C9 RET H . -15.00 2.86 -10.40
C10 RET H . -14.60 3.93 -9.68
C11 RET H . -15.29 4.59 -8.59
C12 RET H . -14.74 5.67 -8.02
C13 RET H . -15.31 6.42 -6.88
C14 RET H . -14.51 7.43 -6.41
C15 RET H . -14.68 8.24 -5.22
C16 RET H . -10.92 1.98 -13.10
C17 RET H . -12.43 3.41 -14.50
C18 RET H . -14.88 -0.96 -13.97
C19 RET H . -16.33 2.16 -10.16
C20 RET H . -16.62 6.03 -6.23
C1 22B I . -16.43 12.09 14.81
C2 22B I . -15.20 11.99 15.87
C3 22B I . -13.75 12.26 15.15
C4 22B I . -13.17 13.29 14.44
C5 22B I . -12.41 13.28 13.18
C6 22B I . -11.97 14.52 12.78
C7 22B I . -11.19 14.90 11.61
C8 22B I . -10.80 16.15 11.28
C9 22B I . -9.98 16.47 10.06
C10 22B I . -10.28 17.66 9.43
C11 22B I . -9.61 18.18 8.23
C12 22B I . -9.98 19.35 7.69
C13 22B I . -9.40 20.00 6.48
C14 22B I . -10.02 21.16 6.21
C15 22B I . -9.88 22.19 5.17
C16 22B I . -16.41 11.09 13.57
C17 22B I . -17.81 11.83 15.52
C18 22B I . -12.11 11.96 12.39
C19 22B I . -8.86 15.47 9.56
C20 22B I . -8.23 19.40 5.63
C21 22B I . -15.07 10.51 16.51
C22 22B I . -13.88 10.39 17.60
C23 22B I . -13.04 9.06 17.87
C24 22B I . -13.37 7.81 17.04
C25 22B I . -11.53 9.37 17.74
O26 22B I . -16.52 13.41 14.27
O27 22B I . -13.32 8.72 19.35
N NO3 J . -10.33 9.72 -4.08
O1 NO3 J . -11.15 9.92 -2.99
O2 NO3 J . -10.02 10.77 -4.92
O3 NO3 J . -9.81 8.51 -4.37
C1 RET K . 13.17 -13.26 -2.21
C2 RET K . 14.56 -12.53 -2.14
C3 RET K . 15.21 -12.34 -0.85
C4 RET K . 15.10 -13.49 0.13
C5 RET K . 13.78 -14.24 0.12
C6 RET K . 12.82 -14.18 -0.92
C7 RET K . 11.53 -15.00 -0.73
C8 RET K . 10.42 -15.12 -1.51
C9 RET K . 9.25 -15.98 -1.30
C10 RET K . 8.27 -15.92 -2.25
C11 RET K . 7.02 -16.68 -2.34
C12 RET K . 6.21 -16.47 -3.39
C13 RET K . 4.93 -17.11 -3.70
C14 RET K . 4.30 -16.61 -4.81
C15 RET K . 2.98 -16.86 -5.37
C16 RET K . 12.18 -12.08 -2.39
C17 RET K . 13.22 -14.04 -3.53
C18 RET K . 13.61 -15.03 1.42
C19 RET K . 9.15 -16.92 -0.12
C20 RET K . 4.33 -18.21 -2.83
C1 22B L . 8.05 -12.89 20.14
C2 22B L . 7.83 -14.27 19.32
C3 22B L . 8.26 -14.14 17.74
C4 22B L . 9.41 -13.83 17.05
C5 22B L . 9.64 -12.78 16.03
C6 22B L . 10.91 -12.76 15.54
C7 22B L . 11.51 -11.90 14.52
C8 22B L . 12.80 -11.98 14.10
C9 22B L . 13.39 -11.10 13.04
C10 22B L . 14.66 -10.64 13.28
C11 22B L . 15.46 -9.78 12.38
C12 22B L . 16.69 -9.40 12.75
C13 22B L . 17.65 -8.55 12.00
C14 22B L . 18.79 -8.39 12.71
C15 22B L . 20.05 -7.67 12.47
C16 22B L . 7.26 -11.61 19.62
C17 22B L . 7.64 -13.03 21.66
C18 22B L . 8.51 -11.81 15.55
C19 22B L . 12.56 -10.77 11.72
C20 22B L . 17.39 -7.94 10.58
C21 22B L . 6.28 -14.72 19.29
C22 22B L . 6.02 -16.10 18.48
C23 22B L . 4.88 -16.29 17.38
C24 22B L . 3.97 -15.08 17.06
C25 22B L . 5.53 -16.75 16.06
O26 22B L . 9.42 -12.52 20.16
O27 22B L . 3.98 -17.42 17.89
N NO3 M . -20.83 -14.86 3.41
O1 NO3 M . -21.22 -14.33 4.64
O2 NO3 M . -21.45 -14.42 2.25
O3 NO3 M . -19.86 -15.81 3.30
N NO3 N . 1.76 -12.82 -7.68
O1 NO3 N . 2.18 -12.32 -6.44
O2 NO3 N . 2.64 -12.82 -8.74
O3 NO3 N . 0.52 -13.31 -7.88
#